data_8TER
#
_entry.id   8TER
#
_cell.length_a   1.00
_cell.length_b   1.00
_cell.length_c   1.00
_cell.angle_alpha   90.00
_cell.angle_beta   90.00
_cell.angle_gamma   90.00
#
_symmetry.space_group_name_H-M   'P 1'
#
loop_
_entity.id
_entity.type
_entity.pdbx_description
1 polymer 'TRK-fused gene protein Low Complexity Domain P285L mutant'
2 water water
#
_entity_poly.entity_id   1
_entity_poly.type   'polypeptide(L)'
_entity_poly.pdbx_seq_one_letter_code
;MSYYHHHHHHDYDIPTTENLYFQGAMVSKGEEDNMAIIKEFMRFKVHMEGSVNGHEFEIEGEGEGRPYEGTQTAKLKVTK
GGPLPFAWDILSPQFMYGSKAYVKHPADIPDYLKLSFPEGFKWERVMNFEDGGVVTVTQDSSLQDGEFIYKVKLRGTNFP
SDGPVMQKKTMGWEASSERMYPEDGALKGEIKQRLKLKDGGHYDAEVKTTYKAKKPVQLPGAYNVNIKLDITSHNEDYTI
VEQYERAEGRHSTGGMDELYKAGTMDPGQIEGQMYQQYQQQAGYGAQQPQAPPQQPQQYGIQYSASYSQQTGPQQLQQFQ
GYGQQPTSQAPAPAFSGQPQQLPAQPPQQYQASNYPAQ
;
_entity_poly.pdbx_strand_id   A,B,C,D,E,F,G,H,I,J,K,L,M,N,O,P,Q,R,S,T
#
# COMPACT_ATOMS: atom_id res chain seq x y z
N PRO A 296 21.94 18.41 -7.33
CA PRO A 296 20.57 17.89 -7.29
C PRO A 296 20.34 16.99 -6.08
N GLN A 297 19.43 17.39 -5.19
CA GLN A 297 19.08 16.62 -4.00
C GLN A 297 17.61 16.27 -4.05
N GLN A 298 17.29 15.06 -3.63
CA GLN A 298 15.93 14.56 -3.67
C GLN A 298 15.69 13.87 -2.35
N TYR A 299 14.61 14.25 -1.67
CA TYR A 299 14.29 13.76 -0.35
C TYR A 299 12.85 13.26 -0.38
N GLY A 300 12.66 12.03 0.04
CA GLY A 300 11.33 11.46 0.02
C GLY A 300 10.51 11.90 1.21
N ILE A 301 10.84 11.46 2.40
CA ILE A 301 10.17 11.91 3.62
C ILE A 301 11.21 12.17 4.69
N GLN A 302 11.01 13.24 5.46
CA GLN A 302 11.92 13.65 6.51
C GLN A 302 11.15 13.79 7.81
N TYR A 303 11.70 13.26 8.89
CA TYR A 303 11.15 13.42 10.23
C TYR A 303 12.22 14.01 11.13
N SER A 304 11.80 14.96 11.96
CA SER A 304 12.69 15.64 12.89
C SER A 304 11.94 15.82 14.21
N ALA A 305 12.29 15.04 15.22
CA ALA A 305 11.64 15.07 16.52
C ALA A 305 10.14 14.84 16.42
N SER A 306 9.73 13.94 15.52
CA SER A 306 8.32 13.74 15.23
C SER A 306 7.88 12.33 15.60
N TYR A 307 6.57 12.12 15.58
CA TYR A 307 5.97 10.83 15.89
C TYR A 307 5.19 10.36 14.68
N SER A 308 5.51 9.17 14.17
CA SER A 308 4.81 8.64 13.00
C SER A 308 4.17 7.30 13.32
N GLN A 309 2.89 7.17 12.99
CA GLN A 309 2.13 5.93 13.11
C GLN A 309 1.46 5.65 11.78
N GLN A 310 1.88 4.58 11.11
CA GLN A 310 1.43 4.26 9.76
C GLN A 310 0.87 2.84 9.76
N THR A 311 -0.44 2.73 9.61
CA THR A 311 -1.12 1.45 9.78
C THR A 311 -1.50 0.78 8.46
N GLY A 312 -1.42 1.51 7.35
CA GLY A 312 -1.82 0.98 6.07
C GLY A 312 -0.65 0.81 5.13
N PRO A 313 -0.93 0.53 3.86
CA PRO A 313 0.16 0.35 2.89
C PRO A 313 0.72 1.68 2.40
N GLN A 314 2.02 1.68 2.11
CA GLN A 314 2.77 2.89 1.78
C GLN A 314 3.74 2.56 0.66
N GLN A 315 3.79 3.44 -0.33
CA GLN A 315 4.62 3.30 -1.52
C GLN A 315 5.37 4.60 -1.76
N LEU A 316 6.69 4.51 -1.90
CA LEU A 316 7.55 5.65 -2.23
C LEU A 316 8.43 5.24 -3.39
N GLN A 317 8.27 5.86 -4.55
CA GLN A 317 9.10 5.60 -5.71
C GLN A 317 9.80 6.88 -6.14
N GLN A 318 11.12 6.83 -6.22
CA GLN A 318 11.95 7.97 -6.58
C GLN A 318 12.66 7.71 -7.89
N PHE A 319 12.68 8.72 -8.76
CA PHE A 319 13.47 8.70 -9.99
C PHE A 319 14.28 9.98 -10.02
N GLN A 320 15.59 9.84 -10.16
CA GLN A 320 16.50 10.97 -10.29
C GLN A 320 17.33 10.77 -11.54
N GLY A 321 17.34 11.77 -12.41
CA GLY A 321 18.03 11.70 -13.67
C GLY A 321 17.10 11.62 -14.87
N TYR A 322 16.89 10.41 -15.36
CA TYR A 322 16.10 10.14 -16.55
C TYR A 322 15.29 8.89 -16.21
N GLY A 323 14.13 9.09 -15.61
CA GLY A 323 13.30 7.99 -15.12
C GLY A 323 12.01 7.89 -15.90
N GLN A 324 11.61 6.66 -16.23
CA GLN A 324 10.38 6.40 -16.96
C GLN A 324 9.60 5.33 -16.24
N GLN A 325 8.32 5.59 -16.00
CA GLN A 325 7.41 4.60 -15.41
C GLN A 325 6.21 4.34 -16.32
N PRO A 326 6.40 3.66 -17.45
CA PRO A 326 5.25 3.36 -18.33
C PRO A 326 4.44 2.14 -17.89
N THR A 327 3.13 2.28 -17.98
CA THR A 327 2.20 1.19 -17.70
C THR A 327 1.31 0.98 -18.92
N SER A 328 1.25 -0.25 -19.42
CA SER A 328 0.49 -0.54 -20.63
C SER A 328 -0.41 -1.74 -20.40
N GLN A 329 -1.64 -1.66 -20.91
CA GLN A 329 -2.57 -2.78 -20.84
C GLN A 329 -3.23 -2.92 -22.21
N ALA A 330 -2.74 -3.87 -23.01
CA ALA A 330 -3.26 -4.08 -24.36
C ALA A 330 -4.41 -5.07 -24.34
N PRO B 296 -25.50 -14.33 5.66
CA PRO B 296 -24.72 -13.10 5.42
C PRO B 296 -23.45 -13.40 4.61
N GLN B 297 -23.35 -12.82 3.43
CA GLN B 297 -22.19 -12.99 2.56
C GLN B 297 -21.57 -11.63 2.30
N GLN B 298 -20.24 -11.59 2.27
CA GLN B 298 -19.50 -10.35 2.11
C GLN B 298 -18.40 -10.67 1.12
N TYR B 299 -18.30 -9.86 0.08
CA TYR B 299 -17.35 -10.07 -1.00
C TYR B 299 -16.61 -8.77 -1.21
N GLY B 300 -15.28 -8.85 -1.18
CA GLY B 300 -14.48 -7.66 -1.34
C GLY B 300 -14.35 -7.27 -2.79
N ILE B 301 -13.62 -8.04 -3.59
CA ILE B 301 -13.51 -7.79 -5.02
C ILE B 301 -13.64 -9.11 -5.76
N GLN B 302 -14.33 -9.10 -6.89
CA GLN B 302 -14.57 -10.27 -7.70
C GLN B 302 -14.12 -9.99 -9.13
N TYR B 303 -13.40 -10.94 -9.72
CA TYR B 303 -13.01 -10.88 -11.12
C TYR B 303 -13.50 -12.12 -11.82
N SER B 304 -14.03 -11.94 -13.03
CA SER B 304 -14.55 -13.03 -13.85
C SER B 304 -14.14 -12.77 -15.29
N ALA B 305 -13.17 -13.53 -15.78
CA ALA B 305 -12.65 -13.37 -17.14
C ALA B 305 -12.14 -11.95 -17.40
N SER B 306 -11.51 -11.35 -16.40
CA SER B 306 -11.12 -9.95 -16.48
C SER B 306 -9.61 -9.81 -16.41
N TYR B 307 -9.13 -8.60 -16.69
CA TYR B 307 -7.72 -8.26 -16.67
C TYR B 307 -7.50 -7.16 -15.65
N SER B 308 -6.64 -7.39 -14.67
CA SER B 308 -6.37 -6.38 -13.65
C SER B 308 -4.89 -6.02 -13.62
N GLN B 309 -4.61 -4.72 -13.65
CA GLN B 309 -3.26 -4.19 -13.52
C GLN B 309 -3.28 -3.11 -12.44
N GLN B 310 -2.60 -3.36 -11.33
CA GLN B 310 -2.63 -2.51 -10.16
C GLN B 310 -1.20 -2.12 -9.80
N THR B 311 -0.87 -0.85 -10.01
CA THR B 311 0.51 -0.40 -9.89
C THR B 311 0.78 0.34 -8.58
N GLY B 312 -0.25 0.73 -7.85
CA GLY B 312 -0.08 1.50 -6.65
C GLY B 312 -0.47 0.72 -5.41
N PRO B 313 -0.56 1.40 -4.27
CA PRO B 313 -0.94 0.71 -3.02
C PRO B 313 -2.44 0.47 -2.92
N GLN B 314 -2.81 -0.63 -2.28
CA GLN B 314 -4.18 -1.10 -2.22
C GLN B 314 -4.45 -1.65 -0.83
N GLN B 315 -5.59 -1.26 -0.27
CA GLN B 315 -6.01 -1.64 1.07
C GLN B 315 -7.45 -2.13 1.02
N LEU B 316 -7.69 -3.32 1.56
CA LEU B 316 -9.03 -3.89 1.68
C LEU B 316 -9.21 -4.35 3.12
N GLN B 317 -10.12 -3.73 3.86
CA GLN B 317 -10.41 -4.14 5.23
C GLN B 317 -11.89 -4.51 5.33
N GLN B 318 -12.16 -5.72 5.82
CA GLN B 318 -13.50 -6.26 5.95
C GLN B 318 -13.83 -6.49 7.42
N PHE B 319 -15.04 -6.10 7.81
CA PHE B 319 -15.57 -6.42 9.13
C PHE B 319 -16.94 -7.05 8.93
N GLN B 320 -17.13 -8.23 9.47
CA GLN B 320 -18.41 -8.91 9.44
C GLN B 320 -18.80 -9.28 10.86
N GLY B 321 -20.00 -8.89 11.26
CA GLY B 321 -20.49 -9.09 12.61
C GLY B 321 -20.60 -7.81 13.41
N TYR B 322 -19.59 -7.57 14.23
CA TYR B 322 -19.55 -6.43 15.15
C TYR B 322 -18.12 -5.92 15.08
N GLY B 323 -17.85 -5.02 14.13
CA GLY B 323 -16.51 -4.53 13.86
C GLY B 323 -16.39 -3.06 14.22
N GLN B 324 -15.28 -2.70 14.84
CA GLN B 324 -15.01 -1.32 15.21
C GLN B 324 -13.62 -0.94 14.75
N GLN B 325 -13.52 0.19 14.07
CA GLN B 325 -12.22 0.75 13.65
C GLN B 325 -12.01 2.16 14.19
N PRO B 326 -11.78 2.31 15.51
CA PRO B 326 -11.54 3.66 16.05
C PRO B 326 -10.11 4.14 15.88
N THR B 327 -9.98 5.41 15.53
CA THR B 327 -8.69 6.08 15.40
C THR B 327 -8.69 7.31 16.29
N SER B 328 -7.70 7.43 17.18
CA SER B 328 -7.65 8.52 18.14
C SER B 328 -6.28 9.17 18.11
N GLN B 329 -6.26 10.51 18.18
CA GLN B 329 -5.00 11.25 18.25
C GLN B 329 -5.17 12.33 19.32
N ALA B 330 -4.66 12.06 20.51
CA ALA B 330 -4.78 12.99 21.62
C ALA B 330 -3.61 13.97 21.65
N PRO C 296 -22.48 -17.52 7.77
CA PRO C 296 -21.68 -16.31 7.48
C PRO C 296 -20.45 -16.63 6.65
N GLN C 297 -20.36 -16.09 5.44
CA GLN C 297 -19.22 -16.28 4.55
C GLN C 297 -18.59 -14.93 4.25
N GLN C 298 -17.28 -14.90 4.19
CA GLN C 298 -16.52 -13.68 3.99
C GLN C 298 -15.45 -14.02 2.96
N TYR C 299 -15.38 -13.24 1.90
CA TYR C 299 -14.46 -13.48 0.81
C TYR C 299 -13.71 -12.19 0.55
N GLY C 300 -12.38 -12.27 0.55
CA GLY C 300 -11.57 -11.10 0.34
C GLY C 300 -11.48 -10.73 -1.12
N ILE C 301 -10.78 -11.53 -1.91
CA ILE C 301 -10.70 -11.32 -3.35
C ILE C 301 -10.86 -12.65 -4.06
N GLN C 302 -11.58 -12.65 -5.18
CA GLN C 302 -11.84 -13.84 -5.95
C GLN C 302 -11.43 -13.60 -7.40
N TYR C 303 -10.74 -14.56 -7.99
CA TYR C 303 -10.38 -14.53 -9.39
C TYR C 303 -10.90 -15.80 -10.06
N SER C 304 -11.44 -15.63 -11.26
CA SER C 304 -12.00 -16.73 -12.04
C SER C 304 -11.63 -16.50 -13.49
N ALA C 305 -10.67 -17.28 -14.00
CA ALA C 305 -10.19 -17.16 -15.37
C ALA C 305 -9.68 -15.76 -15.67
N SER C 306 -9.01 -15.13 -14.70
CA SER C 306 -8.62 -13.73 -14.82
C SER C 306 -7.11 -13.61 -14.79
N TYR C 307 -6.63 -12.41 -15.11
CA TYR C 307 -5.21 -12.09 -15.13
C TYR C 307 -4.96 -10.95 -14.14
N SER C 308 -4.07 -11.17 -13.18
CA SER C 308 -3.76 -10.15 -12.18
C SER C 308 -2.28 -9.80 -12.20
N GLN C 309 -1.99 -8.50 -12.27
CA GLN C 309 -0.64 -7.97 -12.18
C GLN C 309 -0.63 -6.87 -11.13
N GLN C 310 0.08 -7.11 -10.03
CA GLN C 310 0.09 -6.23 -8.87
C GLN C 310 1.52 -5.85 -8.55
N THR C 311 1.87 -4.59 -8.80
CA THR C 311 3.26 -4.15 -8.73
C THR C 311 3.57 -3.38 -7.45
N GLY C 312 2.55 -2.96 -6.69
CA GLY C 312 2.76 -2.18 -5.51
C GLY C 312 2.39 -2.92 -4.24
N PRO C 313 2.34 -2.22 -3.11
CA PRO C 313 1.99 -2.88 -1.85
C PRO C 313 0.48 -3.10 -1.71
N GLN C 314 0.13 -4.19 -1.03
CA GLN C 314 -1.25 -4.64 -0.93
C GLN C 314 -1.49 -5.16 0.48
N GLN C 315 -2.61 -4.75 1.06
CA GLN C 315 -3.00 -5.10 2.42
C GLN C 315 -4.44 -5.58 2.42
N LEU C 316 -4.68 -6.76 2.99
CA LEU C 316 -6.03 -7.31 3.15
C LEU C 316 -6.16 -7.74 4.60
N GLN C 317 -7.05 -7.10 5.36
CA GLN C 317 -7.32 -7.47 6.74
C GLN C 317 -8.79 -7.83 6.88
N GLN C 318 -9.05 -9.03 7.41
CA GLN C 318 -10.40 -9.56 7.57
C GLN C 318 -10.70 -9.75 9.05
N PHE C 319 -11.89 -9.35 9.47
CA PHE C 319 -12.39 -9.62 10.81
C PHE C 319 -13.77 -10.24 10.65
N GLN C 320 -13.96 -11.41 11.24
CA GLN C 320 -15.25 -12.09 11.25
C GLN C 320 -15.60 -12.42 12.69
N GLY C 321 -16.80 -12.02 13.10
CA GLY C 321 -17.24 -12.19 14.46
C GLY C 321 -17.32 -10.90 15.24
N TYR C 322 -16.28 -10.63 16.03
CA TYR C 322 -16.22 -9.48 16.93
C TYR C 322 -14.78 -8.98 16.81
N GLY C 323 -14.54 -8.11 15.84
CA GLY C 323 -13.20 -7.63 15.52
C GLY C 323 -13.07 -6.16 15.85
N GLN C 324 -11.93 -5.78 16.43
CA GLN C 324 -11.64 -4.41 16.77
C GLN C 324 -10.26 -4.04 16.27
N GLN C 325 -10.17 -2.92 15.55
CA GLN C 325 -8.88 -2.40 15.09
C GLN C 325 -8.64 -0.98 15.60
N PRO C 326 -8.38 -0.80 16.90
CA PRO C 326 -8.11 0.55 17.42
C PRO C 326 -6.68 1.02 17.20
N THR C 327 -6.55 2.29 16.81
CA THR C 327 -5.26 2.95 16.65
C THR C 327 -5.23 4.20 17.51
N SER C 328 -4.22 4.32 18.36
CA SER C 328 -4.14 5.44 19.30
C SER C 328 -2.76 6.08 19.22
N GLN C 329 -2.72 7.41 19.26
CA GLN C 329 -1.46 8.15 19.29
C GLN C 329 -1.59 9.25 20.34
N ALA C 330 -1.05 8.99 21.53
CA ALA C 330 -1.13 9.96 22.62
C ALA C 330 0.04 10.92 22.59
N PRO D 296 18.97 22.27 -7.55
CA PRO D 296 17.59 21.75 -7.56
C PRO D 296 17.35 20.82 -6.37
N GLN D 297 16.40 21.18 -5.50
CA GLN D 297 16.04 20.39 -4.34
C GLN D 297 14.57 20.03 -4.43
N GLN D 298 14.24 18.81 -4.03
CA GLN D 298 12.90 18.30 -4.13
C GLN D 298 12.63 17.59 -2.82
N TYR D 299 11.54 17.94 -2.17
CA TYR D 299 11.18 17.41 -0.86
C TYR D 299 9.76 16.90 -0.95
N GLY D 300 9.56 15.66 -0.55
CA GLY D 300 8.24 15.07 -0.61
C GLY D 300 7.38 15.50 0.55
N ILE D 301 7.69 15.02 1.76
CA ILE D 301 6.98 15.45 2.96
C ILE D 301 8.00 15.69 4.07
N GLN D 302 7.77 16.74 4.85
CA GLN D 302 8.64 17.14 5.94
C GLN D 302 7.84 17.24 7.22
N TYR D 303 8.38 16.69 8.30
CA TYR D 303 7.79 16.81 9.62
C TYR D 303 8.82 17.40 10.56
N SER D 304 8.37 18.33 11.41
CA SER D 304 9.23 19.00 12.38
C SER D 304 8.45 19.15 13.67
N ALA D 305 8.79 18.35 14.68
CA ALA D 305 8.11 18.35 15.96
C ALA D 305 6.60 18.10 15.82
N SER D 306 6.22 17.22 14.89
CA SER D 306 4.83 17.02 14.56
C SER D 306 4.40 15.60 14.89
N TYR D 307 3.09 15.36 14.83
CA TYR D 307 2.48 14.07 15.09
C TYR D 307 1.75 13.62 13.85
N SER D 308 2.08 12.45 13.33
CA SER D 308 1.42 11.94 12.13
C SER D 308 0.78 10.58 12.40
N GLN D 309 -0.50 10.45 12.04
CA GLN D 309 -1.23 9.20 12.12
C GLN D 309 -1.88 8.95 10.77
N GLN D 310 -1.43 7.90 10.08
CA GLN D 310 -1.85 7.60 8.71
C GLN D 310 -2.39 6.18 8.67
N THR D 311 -3.71 6.06 8.49
CA THR D 311 -4.38 4.77 8.62
C THR D 311 -4.71 4.13 7.27
N GLY D 312 -4.61 4.88 6.18
CA GLY D 312 -4.98 4.37 4.88
C GLY D 312 -3.78 4.22 3.97
N PRO D 313 -4.03 3.98 2.68
CA PRO D 313 -2.91 3.83 1.73
C PRO D 313 -2.34 5.17 1.29
N GLN D 314 -1.04 5.18 1.02
CA GLN D 314 -0.29 6.41 0.75
C GLN D 314 0.70 6.12 -0.36
N GLN D 315 0.77 7.02 -1.33
CA GLN D 315 1.64 6.90 -2.50
C GLN D 315 2.38 8.22 -2.69
N LEU D 316 3.71 8.14 -2.80
CA LEU D 316 4.55 9.29 -3.08
C LEU D 316 5.47 8.91 -4.23
N GLN D 317 5.33 9.56 -5.38
CA GLN D 317 6.21 9.32 -6.52
C GLN D 317 6.90 10.62 -6.91
N GLN D 318 8.22 10.58 -6.97
CA GLN D 318 9.05 11.75 -7.26
C GLN D 318 9.80 11.52 -8.57
N PHE D 319 9.83 12.54 -9.42
CA PHE D 319 10.64 12.55 -10.63
C PHE D 319 11.45 13.83 -10.61
N GLN D 320 12.76 13.71 -10.72
CA GLN D 320 13.66 14.85 -10.81
C GLN D 320 14.52 14.68 -12.04
N GLY D 321 14.56 15.71 -12.88
CA GLY D 321 15.27 15.67 -14.13
C GLY D 321 14.38 15.61 -15.35
N TYR D 322 14.18 14.40 -15.87
CA TYR D 322 13.43 14.15 -17.08
C TYR D 322 12.61 12.89 -16.80
N GLY D 323 11.43 13.06 -16.22
CA GLY D 323 10.61 11.95 -15.76
C GLY D 323 9.34 11.86 -16.59
N GLN D 324 8.97 10.64 -16.95
CA GLN D 324 7.75 10.38 -17.72
C GLN D 324 6.96 9.28 -17.04
N GLN D 325 5.68 9.54 -16.83
CA GLN D 325 4.76 8.52 -16.28
C GLN D 325 3.58 8.28 -17.22
N PRO D 326 3.80 7.62 -18.37
CA PRO D 326 2.69 7.32 -19.27
C PRO D 326 1.88 6.10 -18.88
N THR D 327 0.55 6.22 -19.01
CA THR D 327 -0.37 5.12 -18.78
C THR D 327 -1.22 4.93 -20.01
N SER D 328 -1.26 3.70 -20.55
CA SER D 328 -1.98 3.43 -21.78
C SER D 328 -2.88 2.22 -21.60
N GLN D 329 -4.10 2.31 -22.14
CA GLN D 329 -5.03 1.18 -22.12
C GLN D 329 -5.65 1.06 -23.51
N ALA D 330 -5.13 0.14 -24.31
CA ALA D 330 -5.61 -0.05 -25.67
C ALA D 330 -6.76 -1.05 -25.71
N PRO E 296 24.89 14.53 -7.10
CA PRO E 296 23.52 14.02 -7.02
C PRO E 296 23.30 13.16 -5.78
N GLN E 297 22.41 13.58 -4.88
CA GLN E 297 22.10 12.84 -3.67
C GLN E 297 20.62 12.49 -3.67
N GLN E 298 20.30 11.30 -3.22
CA GLN E 298 18.94 10.80 -3.21
C GLN E 298 18.73 10.15 -1.86
N TYR E 299 17.67 10.55 -1.18
CA TYR E 299 17.38 10.09 0.17
C TYR E 299 15.94 9.60 0.17
N GLY E 300 15.75 8.38 0.63
CA GLY E 300 14.42 7.82 0.66
C GLY E 300 13.62 8.31 1.85
N ILE E 301 13.98 7.87 3.06
CA ILE E 301 13.35 8.36 4.27
C ILE E 301 14.43 8.64 5.31
N GLN E 302 14.24 9.72 6.06
CA GLN E 302 15.18 10.14 7.09
C GLN E 302 14.45 10.31 8.41
N TYR E 303 15.03 9.80 9.47
CA TYR E 303 14.51 10.00 10.83
C TYR E 303 15.60 10.60 11.69
N SER E 304 15.21 11.57 12.51
CA SER E 304 16.13 12.26 13.41
C SER E 304 15.41 12.49 14.72
N ALA E 305 15.79 11.71 15.75
CA ALA E 305 15.17 11.79 17.07
C ALA E 305 13.66 11.56 17.01
N SER E 306 13.22 10.64 16.14
CA SER E 306 11.80 10.46 15.88
C SER E 306 11.37 9.05 16.30
N TYR E 307 10.06 8.85 16.31
CA TYR E 307 9.45 7.58 16.67
C TYR E 307 8.63 7.08 15.47
N SER E 308 8.92 5.89 14.99
CA SER E 308 8.20 5.33 13.85
C SER E 308 7.55 4.01 14.22
N GLN E 309 6.26 3.88 13.91
CA GLN E 309 5.51 2.65 14.09
C GLN E 309 4.78 2.35 12.77
N GLN E 310 5.18 1.27 12.12
CA GLN E 310 4.69 0.92 10.79
C GLN E 310 4.13 -0.49 10.84
N THR E 311 2.81 -0.60 10.73
CA THR E 311 2.12 -1.86 10.94
C THR E 311 1.71 -2.56 9.64
N GLY E 312 1.76 -1.86 8.51
CA GLY E 312 1.34 -2.41 7.26
C GLY E 312 2.48 -2.62 6.29
N PRO E 313 2.16 -2.92 5.03
CA PRO E 313 3.23 -3.13 4.03
C PRO E 313 3.79 -1.81 3.51
N GLN E 314 5.09 -1.83 3.18
CA GLN E 314 5.83 -0.63 2.81
C GLN E 314 6.77 -0.99 1.68
N GLN E 315 6.81 -0.13 0.67
CA GLN E 315 7.61 -0.31 -0.54
C GLN E 315 8.36 0.97 -0.83
N LEU E 316 9.67 0.87 -1.00
CA LEU E 316 10.52 2.01 -1.37
C LEU E 316 11.38 1.56 -2.54
N GLN E 317 11.19 2.16 -3.71
CA GLN E 317 12.00 1.86 -4.88
C GLN E 317 12.69 3.13 -5.36
N GLN E 318 14.02 3.07 -5.48
CA GLN E 318 14.85 4.19 -5.88
C GLN E 318 15.51 3.90 -7.21
N PHE E 319 15.52 4.89 -8.10
CA PHE E 319 16.27 4.83 -9.34
C PHE E 319 17.10 6.10 -9.42
N GLN E 320 18.40 5.95 -9.59
CA GLN E 320 19.31 7.07 -9.77
C GLN E 320 20.12 6.84 -11.03
N GLY E 321 20.12 7.83 -11.92
CA GLY E 321 20.77 7.71 -13.21
C GLY E 321 19.81 7.63 -14.37
N TYR E 322 19.57 6.40 -14.84
CA TYR E 322 18.76 6.11 -16.00
C TYR E 322 17.94 4.88 -15.61
N GLY E 323 16.80 5.10 -14.99
CA GLY E 323 15.97 4.02 -14.44
C GLY E 323 14.66 3.92 -15.20
N GLN E 324 14.25 2.69 -15.49
CA GLN E 324 12.99 2.42 -16.19
C GLN E 324 12.21 1.36 -15.42
N GLN E 325 10.95 1.65 -15.15
CA GLN E 325 10.06 0.68 -14.52
C GLN E 325 8.82 0.40 -15.39
N PRO E 326 8.98 -0.31 -16.51
CA PRO E 326 7.82 -0.61 -17.36
C PRO E 326 7.01 -1.80 -16.88
N THR E 327 5.69 -1.67 -16.94
CA THR E 327 4.75 -2.74 -16.61
C THR E 327 3.83 -2.96 -17.80
N SER E 328 3.76 -4.21 -18.27
CA SER E 328 2.97 -4.52 -19.46
C SER E 328 2.06 -5.70 -19.18
N GLN E 329 0.81 -5.62 -19.66
CA GLN E 329 -0.13 -6.73 -19.55
C GLN E 329 -0.81 -6.89 -20.90
N ALA E 330 -0.35 -7.86 -21.68
CA ALA E 330 -0.91 -8.10 -23.00
C ALA E 330 -2.07 -9.08 -22.95
N PRO F 296 -28.50 -11.11 3.56
CA PRO F 296 -27.74 -9.88 3.36
C PRO F 296 -26.44 -10.14 2.58
N GLN F 297 -26.31 -9.54 1.40
CA GLN F 297 -25.13 -9.68 0.56
C GLN F 297 -24.51 -8.31 0.35
N GLN F 298 -23.18 -8.26 0.36
CA GLN F 298 -22.45 -7.02 0.25
C GLN F 298 -21.32 -7.30 -0.73
N TYR F 299 -21.21 -6.47 -1.75
CA TYR F 299 -20.23 -6.65 -2.81
C TYR F 299 -19.49 -5.34 -2.97
N GLY F 300 -18.17 -5.40 -2.92
CA GLY F 300 -17.37 -4.21 -3.03
C GLY F 300 -17.21 -3.78 -4.47
N ILE F 301 -16.46 -4.53 -5.26
CA ILE F 301 -16.32 -4.25 -6.68
C ILE F 301 -16.41 -5.57 -7.45
N GLN F 302 -17.07 -5.52 -8.60
CA GLN F 302 -17.28 -6.69 -9.45
C GLN F 302 -16.79 -6.38 -10.85
N TYR F 303 -16.06 -7.30 -11.44
CA TYR F 303 -15.63 -7.20 -12.83
C TYR F 303 -16.09 -8.44 -13.58
N SER F 304 -16.59 -8.23 -14.79
CA SER F 304 -17.07 -9.31 -15.64
C SER F 304 -16.65 -9.02 -17.07
N ALA F 305 -15.65 -9.75 -17.56
CA ALA F 305 -15.10 -9.57 -18.90
C ALA F 305 -14.59 -8.15 -19.11
N SER F 306 -14.00 -7.55 -18.08
CA SER F 306 -13.62 -6.15 -18.12
C SER F 306 -12.11 -6.00 -18.01
N TYR F 307 -11.64 -4.78 -18.25
CA TYR F 307 -10.22 -4.44 -18.19
C TYR F 307 -10.05 -3.35 -17.14
N SER F 308 -9.20 -3.59 -16.15
CA SER F 308 -8.96 -2.60 -15.09
C SER F 308 -7.49 -2.23 -15.02
N GLN F 309 -7.22 -0.93 -15.02
CA GLN F 309 -5.88 -0.38 -14.85
C GLN F 309 -5.94 0.67 -13.75
N GLN F 310 -5.28 0.39 -12.63
CA GLN F 310 -5.35 1.23 -11.44
C GLN F 310 -3.93 1.62 -11.03
N THR F 311 -3.60 2.88 -11.21
CA THR F 311 -2.24 3.35 -11.04
C THR F 311 -2.00 4.07 -9.72
N GLY F 312 -3.05 4.44 -9.00
CA GLY F 312 -2.93 5.18 -7.77
C GLY F 312 -3.34 4.36 -6.56
N PRO F 313 -3.46 5.02 -5.41
CA PRO F 313 -3.86 4.30 -4.19
C PRO F 313 -5.37 4.05 -4.13
N GLN F 314 -5.74 2.92 -3.52
CA GLN F 314 -7.11 2.45 -3.51
C GLN F 314 -7.41 1.87 -2.14
N GLN F 315 -8.56 2.23 -1.60
CA GLN F 315 -9.02 1.83 -0.27
C GLN F 315 -10.45 1.33 -0.37
N LEU F 316 -10.69 0.12 0.14
CA LEU F 316 -12.03 -0.46 0.20
C LEU F 316 -12.24 -0.96 1.63
N GLN F 317 -13.17 -0.35 2.36
CA GLN F 317 -13.50 -0.80 3.72
C GLN F 317 -14.97 -1.18 3.77
N GLN F 318 -15.23 -2.41 4.23
CA GLN F 318 -16.59 -2.96 4.31
C GLN F 318 -16.95 -3.22 5.76
N PHE F 319 -18.17 -2.86 6.14
CA PHE F 319 -18.74 -3.20 7.43
C PHE F 319 -20.09 -3.83 7.18
N GLN F 320 -20.28 -5.03 7.70
CA GLN F 320 -21.56 -5.72 7.62
C GLN F 320 -21.97 -6.13 9.02
N GLY F 321 -23.20 -5.76 9.40
CA GLY F 321 -23.71 -5.98 10.73
C GLY F 321 -23.86 -4.74 11.56
N TYR F 322 -22.87 -4.48 12.41
CA TYR F 322 -22.85 -3.37 13.36
C TYR F 322 -21.43 -2.84 13.33
N GLY F 323 -21.16 -1.93 12.41
CA GLY F 323 -19.81 -1.42 12.18
C GLY F 323 -19.72 0.04 12.57
N GLN F 324 -18.62 0.40 13.23
CA GLN F 324 -18.37 1.78 13.64
C GLN F 324 -16.97 2.18 13.22
N GLN F 325 -16.86 3.33 12.57
CA GLN F 325 -15.56 3.89 12.19
C GLN F 325 -15.38 5.29 12.77
N PRO F 326 -15.18 5.42 14.09
CA PRO F 326 -14.96 6.75 14.67
C PRO F 326 -13.53 7.26 14.54
N THR F 327 -13.41 8.54 14.22
CA THR F 327 -12.12 9.22 14.15
C THR F 327 -12.15 10.44 15.06
N SER F 328 -11.18 10.53 15.97
CA SER F 328 -11.17 11.61 16.95
C SER F 328 -9.81 12.28 16.98
N GLN F 329 -9.80 13.61 17.06
CA GLN F 329 -8.55 14.36 17.19
C GLN F 329 -8.75 15.41 18.27
N ALA F 330 -8.26 15.12 19.47
CA ALA F 330 -8.42 16.02 20.61
C ALA F 330 -7.26 17.01 20.68
N PRO G 296 -19.41 -20.70 9.86
CA PRO G 296 -18.63 -19.50 9.52
C PRO G 296 -17.41 -19.85 8.68
N GLN G 297 -17.35 -19.32 7.45
CA GLN G 297 -16.24 -19.54 6.53
C GLN G 297 -15.60 -18.21 6.20
N GLN G 298 -14.29 -18.20 6.10
CA GLN G 298 -13.53 -16.99 5.85
C GLN G 298 -12.49 -17.36 4.82
N TYR G 299 -12.44 -16.60 3.73
CA TYR G 299 -11.55 -16.87 2.62
C TYR G 299 -10.79 -15.59 2.33
N GLY G 300 -9.47 -15.69 2.28
CA GLY G 300 -8.65 -14.53 2.03
C GLY G 300 -8.60 -14.19 0.56
N ILE G 301 -7.92 -15.01 -0.23
CA ILE G 301 -7.88 -14.83 -1.68
C ILE G 301 -8.06 -16.18 -2.35
N GLN G 302 -8.81 -16.20 -3.45
CA GLN G 302 -9.10 -17.40 -4.20
C GLN G 302 -8.72 -17.19 -5.65
N TYR G 303 -8.06 -18.17 -6.24
CA TYR G 303 -7.73 -18.18 -7.66
C TYR G 303 -8.28 -19.44 -8.28
N SER G 304 -8.86 -19.29 -9.47
CA SER G 304 -9.43 -20.41 -10.20
C SER G 304 -9.11 -20.22 -11.68
N ALA G 305 -8.17 -21.01 -12.19
CA ALA G 305 -7.71 -20.93 -13.57
C ALA G 305 -7.19 -19.54 -13.92
N SER G 306 -6.51 -18.89 -12.98
CA SER G 306 -6.11 -17.51 -13.14
C SER G 306 -4.59 -17.40 -13.15
N TYR G 307 -4.11 -16.20 -13.50
CA TYR G 307 -2.69 -15.90 -13.56
C TYR G 307 -2.40 -14.75 -12.61
N SER G 308 -1.50 -14.95 -11.66
CA SER G 308 -1.15 -13.91 -10.70
C SER G 308 0.32 -13.57 -10.76
N GLN G 309 0.63 -12.28 -10.87
CA GLN G 309 1.99 -11.76 -10.83
C GLN G 309 2.03 -10.64 -9.79
N GLN G 310 2.77 -10.86 -8.71
CA GLN G 310 2.81 -9.95 -7.57
C GLN G 310 4.26 -9.58 -7.29
N THR G 311 4.61 -8.33 -7.58
CA THR G 311 5.99 -7.90 -7.55
C THR G 311 6.35 -7.10 -6.29
N GLY G 312 5.36 -6.66 -5.53
CA GLY G 312 5.59 -5.85 -4.37
C GLY G 312 5.25 -6.58 -3.08
N PRO G 313 5.24 -5.84 -1.95
CA PRO G 313 4.92 -6.48 -0.67
C PRO G 313 3.41 -6.68 -0.49
N GLN G 314 3.06 -7.75 0.22
CA GLN G 314 1.68 -8.19 0.36
C GLN G 314 1.48 -8.67 1.78
N GLN G 315 0.38 -8.25 2.39
CA GLN G 315 0.01 -8.55 3.76
C GLN G 315 -1.43 -9.02 3.80
N LEU G 316 -1.66 -10.19 4.41
CA LEU G 316 -3.01 -10.72 4.62
C LEU G 316 -3.11 -11.13 6.08
N GLN G 317 -3.98 -10.46 6.84
CA GLN G 317 -4.22 -10.81 8.24
C GLN G 317 -5.69 -11.15 8.44
N GLN G 318 -5.94 -12.33 8.98
CA GLN G 318 -7.29 -12.84 9.20
C GLN G 318 -7.55 -13.00 10.68
N PHE G 319 -8.72 -12.58 11.13
CA PHE G 319 -9.20 -12.82 12.48
C PHE G 319 -10.58 -13.44 12.37
N GLN G 320 -10.77 -14.59 12.99
CA GLN G 320 -12.06 -15.26 13.04
C GLN G 320 -12.38 -15.56 14.49
N GLY G 321 -13.56 -15.13 14.94
CA GLY G 321 -13.98 -15.26 16.31
C GLY G 321 -14.02 -13.96 17.06
N TYR G 322 -12.97 -13.68 17.82
CA TYR G 322 -12.87 -12.52 18.70
C TYR G 322 -11.44 -12.03 18.52
N GLY G 323 -11.21 -11.18 17.53
CA GLY G 323 -9.87 -10.73 17.17
C GLY G 323 -9.72 -9.25 17.45
N GLN G 324 -8.57 -8.87 18.01
CA GLN G 324 -8.26 -7.48 18.31
C GLN G 324 -6.89 -7.15 17.77
N GLN G 325 -6.80 -6.04 17.03
CA GLN G 325 -5.52 -5.54 16.52
C GLN G 325 -5.26 -4.12 16.99
N PRO G 326 -4.96 -3.91 18.29
CA PRO G 326 -4.67 -2.55 18.76
C PRO G 326 -3.25 -2.09 18.50
N THR G 327 -3.11 -0.83 18.08
CA THR G 327 -1.82 -0.19 17.87
C THR G 327 -1.76 1.07 18.71
N SER G 328 -0.72 1.21 19.53
CA SER G 328 -0.61 2.34 20.44
C SER G 328 0.77 2.97 20.32
N GLN G 329 0.81 4.31 20.32
CA GLN G 329 2.08 5.03 20.31
C GLN G 329 1.98 6.14 21.34
N ALA G 330 2.55 5.92 22.51
CA ALA G 330 2.51 6.90 23.58
C ALA G 330 3.69 7.86 23.50
N PRO H 296 15.96 26.11 -7.76
CA PRO H 296 14.59 25.58 -7.82
C PRO H 296 14.32 24.62 -6.66
N GLN H 297 13.36 24.97 -5.80
CA GLN H 297 12.97 24.15 -4.66
C GLN H 297 11.51 23.77 -4.81
N GLN H 298 11.18 22.54 -4.44
CA GLN H 298 9.84 22.01 -4.58
C GLN H 298 9.56 21.27 -3.29
N TYR H 299 8.44 21.61 -2.66
CA TYR H 299 8.05 21.04 -1.37
C TYR H 299 6.64 20.53 -1.51
N GLY H 300 6.44 19.28 -1.14
CA GLY H 300 5.12 18.68 -1.25
C GLY H 300 4.24 19.08 -0.09
N ILE H 301 4.52 18.58 1.11
CA ILE H 301 3.78 18.97 2.29
C ILE H 301 4.77 19.21 3.43
N GLN H 302 4.51 20.23 4.24
CA GLN H 302 5.36 20.61 5.35
C GLN H 302 4.52 20.67 6.62
N TYR H 303 5.03 20.11 7.69
CA TYR H 303 4.41 20.21 9.01
C TYR H 303 5.42 20.78 9.99
N SER H 304 4.95 21.68 10.84
CA SER H 304 5.77 22.34 11.84
C SER H 304 4.95 22.46 13.12
N ALA H 305 5.27 21.63 14.11
CA ALA H 305 4.55 21.60 15.39
C ALA H 305 3.06 21.34 15.20
N SER H 306 2.71 20.49 14.24
CA SER H 306 1.32 20.28 13.87
C SER H 306 0.90 18.84 14.16
N TYR H 307 -0.41 18.61 14.05
CA TYR H 307 -1.00 17.30 14.29
C TYR H 307 -1.72 16.87 13.01
N SER H 308 -1.35 15.72 12.47
CA SER H 308 -1.98 15.21 11.25
C SER H 308 -2.62 13.86 11.47
N GLN H 309 -3.88 13.72 11.07
CA GLN H 309 -4.61 12.47 11.11
C GLN H 309 -5.23 12.23 9.73
N GLN H 310 -4.75 11.21 9.04
CA GLN H 310 -5.13 10.93 7.66
C GLN H 310 -5.65 9.51 7.58
N THR H 311 -6.95 9.38 7.36
CA THR H 311 -7.62 8.09 7.44
C THR H 311 -7.92 7.47 6.07
N GLY H 312 -7.80 8.24 4.99
CA GLY H 312 -8.13 7.77 3.68
C GLY H 312 -6.90 7.65 2.79
N PRO H 313 -7.12 7.42 1.50
CA PRO H 313 -5.98 7.30 0.58
C PRO H 313 -5.41 8.66 0.18
N GLN H 314 -4.10 8.68 -0.06
CA GLN H 314 -3.36 9.92 -0.29
C GLN H 314 -2.33 9.66 -1.37
N GLN H 315 -2.25 10.58 -2.32
CA GLN H 315 -1.35 10.50 -3.47
C GLN H 315 -0.61 11.82 -3.62
N LEU H 316 0.71 11.76 -3.69
CA LEU H 316 1.55 12.93 -3.93
C LEU H 316 2.51 12.58 -5.06
N GLN H 317 2.38 13.25 -6.21
CA GLN H 317 3.29 13.05 -7.33
C GLN H 317 3.99 14.36 -7.67
N GLN H 318 5.31 14.33 -7.69
CA GLN H 318 6.14 15.50 -7.95
C GLN H 318 6.91 15.31 -9.24
N PHE H 319 6.96 16.35 -10.07
CA PHE H 319 7.80 16.39 -11.25
C PHE H 319 8.60 17.68 -11.19
N GLN H 320 9.92 17.57 -11.26
CA GLN H 320 10.80 18.73 -11.30
C GLN H 320 11.71 18.58 -12.52
N GLY H 321 11.74 19.63 -13.34
CA GLY H 321 12.49 19.62 -14.58
C GLY H 321 11.63 19.58 -15.81
N TYR H 322 11.45 18.39 -16.36
CA TYR H 322 10.73 18.15 -17.60
C TYR H 322 9.93 16.88 -17.36
N GLY H 323 8.73 17.04 -16.81
CA GLY H 323 7.90 15.90 -16.40
C GLY H 323 6.66 15.82 -17.27
N GLN H 324 6.29 14.60 -17.65
CA GLN H 324 5.10 14.35 -18.46
C GLN H 324 4.31 13.24 -17.83
N GLN H 325 3.01 13.47 -17.64
CA GLN H 325 2.10 12.44 -17.14
C GLN H 325 0.95 12.20 -18.11
N PRO H 326 1.21 11.57 -19.26
CA PRO H 326 0.11 11.29 -20.20
C PRO H 326 -0.70 10.05 -19.87
N THR H 327 -2.01 10.16 -20.02
CA THR H 327 -2.94 9.05 -19.83
C THR H 327 -3.77 8.88 -21.10
N SER H 328 -3.77 7.67 -21.65
CA SER H 328 -4.46 7.42 -22.91
C SER H 328 -5.36 6.20 -22.78
N GLN H 329 -6.56 6.28 -23.35
CA GLN H 329 -7.48 5.15 -23.37
C GLN H 329 -8.06 5.06 -24.78
N ALA H 330 -7.52 4.16 -25.58
CA ALA H 330 -7.96 3.99 -26.96
C ALA H 330 -9.10 2.98 -27.06
N PRO I 296 27.82 10.63 -6.86
CA PRO I 296 26.44 10.14 -6.74
C PRO I 296 26.25 9.30 -5.47
N GLN I 297 25.39 9.74 -4.56
CA GLN I 297 25.09 9.03 -3.33
C GLN I 297 23.62 8.70 -3.29
N GLN I 298 23.30 7.52 -2.80
CA GLN I 298 21.93 7.04 -2.76
C GLN I 298 21.76 6.41 -1.38
N TYR I 299 20.71 6.84 -0.68
CA TYR I 299 20.45 6.40 0.68
C TYR I 299 19.02 5.93 0.74
N GLY I 300 18.82 4.72 1.22
CA GLY I 300 17.48 4.17 1.30
C GLY I 300 16.73 4.69 2.49
N ILE I 301 17.12 4.28 3.70
CA ILE I 301 16.51 4.80 4.92
C ILE I 301 17.61 5.09 5.93
N GLN I 302 17.46 6.19 6.66
CA GLN I 302 18.43 6.62 7.65
C GLN I 302 17.73 6.84 8.98
N TYR I 303 18.33 6.34 10.06
CA TYR I 303 17.85 6.56 11.40
C TYR I 303 18.96 7.18 12.23
N SER I 304 18.60 8.17 13.04
CA SER I 304 19.54 8.87 13.90
C SER I 304 18.87 9.13 15.23
N ALA I 305 19.26 8.38 16.26
CA ALA I 305 18.68 8.48 17.60
C ALA I 305 17.16 8.27 17.57
N SER I 306 16.70 7.34 16.74
CA SER I 306 15.28 7.16 16.52
C SER I 306 14.84 5.77 16.98
N TYR I 307 13.53 5.57 17.03
CA TYR I 307 12.92 4.32 17.42
C TYR I 307 12.07 3.80 16.27
N SER I 308 12.34 2.59 15.79
CA SER I 308 11.57 2.02 14.69
C SER I 308 10.93 0.70 15.10
N GLN I 309 9.64 0.59 14.83
CA GLN I 309 8.87 -0.63 15.05
C GLN I 309 8.12 -0.96 13.76
N GLN I 310 8.49 -2.05 13.12
CA GLN I 310 7.97 -2.43 11.81
C GLN I 310 7.39 -3.84 11.90
N THR I 311 6.08 -3.93 11.83
CA THR I 311 5.38 -5.18 12.08
C THR I 311 4.93 -5.90 10.81
N GLY I 312 4.96 -5.23 9.67
CA GLY I 312 4.49 -5.80 8.44
C GLY I 312 5.61 -6.04 7.44
N PRO I 313 5.26 -6.37 6.20
CA PRO I 313 6.29 -6.60 5.18
C PRO I 313 6.86 -5.30 4.62
N GLN I 314 8.14 -5.34 4.25
CA GLN I 314 8.89 -4.16 3.84
C GLN I 314 9.80 -4.54 2.69
N GLN I 315 9.81 -3.71 1.66
CA GLN I 315 10.58 -3.92 0.44
C GLN I 315 11.33 -2.64 0.11
N LEU I 316 12.64 -2.76 -0.09
CA LEU I 316 13.49 -1.65 -0.51
C LEU I 316 14.32 -2.13 -1.70
N GLN I 317 14.10 -1.55 -2.88
CA GLN I 317 14.89 -1.88 -4.06
C GLN I 317 15.57 -0.63 -4.58
N GLN I 318 16.89 -0.70 -4.73
CA GLN I 318 17.71 0.41 -5.17
C GLN I 318 18.36 0.08 -6.51
N PHE I 319 18.35 1.05 -7.42
CA PHE I 319 19.07 0.96 -8.68
C PHE I 319 19.91 2.22 -8.81
N GLN I 320 21.20 2.05 -9.00
CA GLN I 320 22.11 3.17 -9.23
C GLN I 320 22.89 2.89 -10.51
N GLY I 321 22.87 3.86 -11.42
CA GLY I 321 23.49 3.73 -12.72
C GLY I 321 22.50 3.61 -13.85
N TYR I 322 22.24 2.39 -14.28
CA TYR I 322 21.39 2.07 -15.42
C TYR I 322 20.57 0.86 -14.99
N GLY I 323 19.44 1.10 -14.34
CA GLY I 323 18.63 0.04 -13.76
C GLY I 323 17.30 -0.07 -14.48
N GLN I 324 16.87 -1.30 -14.73
CA GLN I 324 15.60 -1.57 -15.38
C GLN I 324 14.83 -2.60 -14.58
N GLN I 325 13.57 -2.31 -14.29
CA GLN I 325 12.68 -3.25 -13.61
C GLN I 325 11.43 -3.53 -14.45
N PRO I 326 11.56 -4.27 -15.56
CA PRO I 326 10.37 -4.58 -16.36
C PRO I 326 9.56 -5.75 -15.84
N THR I 327 8.24 -5.61 -15.88
CA THR I 327 7.31 -6.66 -15.49
C THR I 327 6.35 -6.91 -16.66
N SER I 328 6.26 -8.16 -17.10
CA SER I 328 5.44 -8.49 -18.26
C SER I 328 4.53 -9.66 -17.94
N GLN I 329 3.28 -9.57 -18.39
CA GLN I 329 2.33 -10.68 -18.23
C GLN I 329 1.60 -10.87 -19.55
N ALA I 330 2.03 -11.85 -20.33
CA ALA I 330 1.45 -12.11 -21.64
C ALA I 330 0.27 -13.09 -21.53
N PRO J 296 -31.49 -7.88 1.44
CA PRO J 296 -30.72 -6.64 1.29
C PRO J 296 -29.41 -6.87 0.54
N GLN J 297 -29.24 -6.24 -0.62
CA GLN J 297 -28.04 -6.35 -1.43
C GLN J 297 -27.43 -4.98 -1.60
N GLN J 298 -26.11 -4.91 -1.56
CA GLN J 298 -25.38 -3.66 -1.63
C GLN J 298 -24.23 -3.92 -2.59
N TYR J 299 -24.09 -3.07 -3.59
CA TYR J 299 -23.09 -3.21 -4.63
C TYR J 299 -22.36 -1.89 -4.74
N GLY J 300 -21.04 -1.95 -4.65
CA GLY J 300 -20.25 -0.75 -4.72
C GLY J 300 -20.06 -0.28 -6.14
N ILE J 301 -19.27 -1.01 -6.93
CA ILE J 301 -19.09 -0.70 -8.34
C ILE J 301 -19.16 -2.00 -9.14
N GLN J 302 -19.80 -1.94 -10.30
CA GLN J 302 -19.97 -3.09 -11.18
C GLN J 302 -19.46 -2.74 -12.56
N TYR J 303 -18.70 -3.65 -13.16
CA TYR J 303 -18.24 -3.51 -14.53
C TYR J 303 -18.67 -4.75 -15.31
N SER J 304 -19.14 -4.52 -16.53
CA SER J 304 -19.59 -5.57 -17.42
C SER J 304 -19.13 -5.24 -18.83
N ALA J 305 -18.12 -5.97 -19.30
CA ALA J 305 -17.53 -5.74 -20.63
C ALA J 305 -17.04 -4.32 -20.80
N SER J 306 -16.47 -3.75 -19.74
CA SER J 306 -16.11 -2.33 -19.75
C SER J 306 -14.60 -2.18 -19.60
N TYR J 307 -14.14 -0.95 -19.80
CA TYR J 307 -12.73 -0.59 -19.69
C TYR J 307 -12.58 0.48 -18.62
N SER J 308 -11.77 0.22 -17.61
CA SER J 308 -11.56 1.18 -16.53
C SER J 308 -10.08 1.56 -16.42
N GLN J 309 -9.83 2.87 -16.38
CA GLN J 309 -8.50 3.43 -16.16
C GLN J 309 -8.60 4.45 -15.05
N GLN J 310 -7.97 4.16 -13.91
CA GLN J 310 -8.07 4.96 -12.70
C GLN J 310 -6.67 5.35 -12.26
N THR J 311 -6.34 6.63 -12.40
CA THR J 311 -4.98 7.09 -12.19
C THR J 311 -4.78 7.79 -10.83
N GLY J 312 -5.86 8.14 -10.15
CA GLY J 312 -5.77 8.85 -8.90
C GLY J 312 -6.21 8.01 -7.72
N PRO J 313 -6.36 8.64 -6.55
CA PRO J 313 -6.79 7.89 -5.36
C PRO J 313 -8.29 7.63 -5.34
N GLN J 314 -8.67 6.49 -4.76
CA GLN J 314 -10.04 6.00 -4.81
C GLN J 314 -10.36 5.39 -3.45
N GLN J 315 -11.53 5.73 -2.93
CA GLN J 315 -12.01 5.30 -1.63
C GLN J 315 -13.44 4.78 -1.77
N LEU J 316 -13.69 3.57 -1.29
CA LEU J 316 -15.02 2.98 -1.27
C LEU J 316 -15.26 2.45 0.14
N GLN J 317 -16.21 3.02 0.86
CA GLN J 317 -16.58 2.55 2.19
C GLN J 317 -18.05 2.15 2.20
N GLN J 318 -18.31 0.92 2.63
CA GLN J 318 -19.65 0.35 2.66
C GLN J 318 -20.06 0.06 4.10
N PHE J 319 -21.28 0.41 4.45
CA PHE J 319 -21.88 0.03 5.72
C PHE J 319 -23.22 -0.61 5.42
N GLN J 320 -23.42 -1.82 5.92
CA GLN J 320 -24.69 -2.51 5.79
C GLN J 320 -25.14 -2.95 7.18
N GLY J 321 -26.37 -2.60 7.52
CA GLY J 321 -26.91 -2.87 8.84
C GLY J 321 -27.09 -1.63 9.68
N TYR J 322 -26.12 -1.40 10.57
CA TYR J 322 -26.15 -0.30 11.54
C TYR J 322 -24.72 0.23 11.55
N GLY J 323 -24.43 1.18 10.67
CA GLY J 323 -23.09 1.70 10.48
C GLY J 323 -23.02 3.15 10.90
N GLN J 324 -21.94 3.51 11.59
CA GLN J 324 -21.71 4.87 12.05
C GLN J 324 -20.31 5.30 11.67
N GLN J 325 -20.19 6.46 11.03
CA GLN J 325 -18.89 7.04 10.71
C GLN J 325 -18.73 8.43 11.32
N PRO J 326 -18.56 8.53 12.64
CA PRO J 326 -18.38 9.85 13.26
C PRO J 326 -16.94 10.37 13.18
N THR J 327 -16.82 11.66 12.89
CA THR J 327 -15.54 12.36 12.86
C THR J 327 -15.61 13.55 13.80
N SER J 328 -14.66 13.64 14.74
CA SER J 328 -14.69 14.69 15.75
C SER J 328 -13.33 15.37 15.82
N GLN J 329 -13.32 16.69 15.93
CA GLN J 329 -12.10 17.45 16.10
C GLN J 329 -12.33 18.48 17.20
N ALA J 330 -11.87 18.16 18.42
CA ALA J 330 -12.06 19.06 19.56
C ALA J 330 -10.91 20.05 19.68
N PRO K 296 -16.33 -23.86 11.94
CA PRO K 296 -15.55 -22.67 11.57
C PRO K 296 -14.35 -23.05 10.69
N GLN K 297 -14.32 -22.55 9.46
CA GLN K 297 -13.23 -22.80 8.51
C GLN K 297 -12.60 -21.48 8.13
N GLN K 298 -11.28 -21.48 8.01
CA GLN K 298 -10.53 -20.28 7.71
C GLN K 298 -9.52 -20.68 6.66
N TYR K 299 -9.48 -19.95 5.56
CA TYR K 299 -8.62 -20.25 4.43
C TYR K 299 -7.86 -18.98 4.09
N GLY K 300 -6.54 -19.09 4.02
CA GLY K 300 -5.72 -17.94 3.72
C GLY K 300 -5.70 -17.64 2.25
N ILE K 301 -5.04 -18.48 1.45
CA ILE K 301 -5.04 -18.33 0.00
C ILE K 301 -5.26 -19.69 -0.64
N GLN K 302 -6.03 -19.73 -1.72
CA GLN K 302 -6.35 -20.94 -2.44
C GLN K 302 -6.01 -20.76 -3.90
N TYR K 303 -5.35 -21.77 -4.48
CA TYR K 303 -5.07 -21.81 -5.91
C TYR K 303 -5.64 -23.08 -6.50
N SER K 304 -6.25 -22.95 -7.67
CA SER K 304 -6.85 -24.07 -8.37
C SER K 304 -6.56 -23.92 -9.85
N ALA K 305 -5.64 -24.73 -10.37
CA ALA K 305 -5.22 -24.68 -11.77
C ALA K 305 -4.71 -23.30 -12.16
N SER K 306 -3.99 -22.64 -11.24
CA SER K 306 -3.58 -21.27 -11.44
C SER K 306 -2.06 -21.16 -11.50
N TYR K 307 -1.58 -19.99 -11.89
CA TYR K 307 -0.16 -19.68 -11.99
C TYR K 307 0.16 -18.53 -11.06
N SER K 308 1.09 -18.72 -10.14
CA SER K 308 1.45 -17.65 -9.20
C SER K 308 2.95 -17.33 -9.31
N GLN K 309 3.25 -16.05 -9.45
CA GLN K 309 4.62 -15.54 -9.46
C GLN K 309 4.70 -14.40 -8.44
N GLN K 310 5.46 -14.60 -7.38
CA GLN K 310 5.53 -13.67 -6.26
C GLN K 310 6.99 -13.31 -6.04
N THR K 311 7.34 -12.06 -6.35
CA THR K 311 8.73 -11.64 -6.36
C THR K 311 9.12 -10.83 -5.14
N GLY K 312 8.15 -10.36 -4.35
CA GLY K 312 8.43 -9.52 -3.21
C GLY K 312 8.12 -10.22 -1.90
N PRO K 313 8.13 -9.46 -0.80
CA PRO K 313 7.83 -10.06 0.50
C PRO K 313 6.34 -10.26 0.73
N GLN K 314 6.00 -11.31 1.47
CA GLN K 314 4.62 -11.73 1.66
C GLN K 314 4.44 -12.18 3.09
N GLN K 315 3.37 -11.73 3.71
CA GLN K 315 3.03 -12.01 5.11
C GLN K 315 1.59 -12.46 5.19
N LEU K 316 1.36 -13.61 5.83
CA LEU K 316 0.02 -14.14 6.08
C LEU K 316 -0.05 -14.50 7.56
N GLN K 317 -0.89 -13.81 8.32
CA GLN K 317 -1.10 -14.13 9.74
C GLN K 317 -2.57 -14.45 9.97
N GLN K 318 -2.82 -15.62 10.55
CA GLN K 318 -4.17 -16.12 10.81
C GLN K 318 -4.38 -16.24 12.31
N PHE K 319 -5.55 -15.80 12.77
CA PHE K 319 -5.99 -16.02 14.15
C PHE K 319 -7.38 -16.62 14.08
N GLN K 320 -7.56 -17.76 14.72
CA GLN K 320 -8.85 -18.41 14.82
C GLN K 320 -9.14 -18.67 16.29
N GLY K 321 -10.30 -18.24 16.75
CA GLY K 321 -10.69 -18.34 18.14
C GLY K 321 -10.71 -17.01 18.86
N TYR K 322 -9.64 -16.73 19.60
CA TYR K 322 -9.50 -15.54 20.43
C TYR K 322 -8.06 -15.07 20.21
N GLY K 323 -7.86 -14.25 19.21
CA GLY K 323 -6.53 -13.82 18.80
C GLY K 323 -6.35 -12.33 19.05
N GLN K 324 -5.19 -11.95 19.56
CA GLN K 324 -4.86 -10.56 19.84
C GLN K 324 -3.49 -10.25 19.24
N GLN K 325 -3.42 -9.16 18.48
CA GLN K 325 -2.16 -8.68 17.93
C GLN K 325 -1.88 -7.24 18.37
N PRO K 326 -1.54 -7.01 19.64
CA PRO K 326 -1.23 -5.64 20.09
C PRO K 326 0.20 -5.21 19.78
N THR K 327 0.33 -3.96 19.33
CA THR K 327 1.62 -3.34 19.08
C THR K 327 1.72 -2.05 19.88
N SER K 328 2.77 -1.91 20.68
CA SER K 328 2.92 -0.76 21.56
C SER K 328 4.29 -0.15 21.39
N GLN K 329 4.35 1.19 21.36
CA GLN K 329 5.63 1.90 21.30
C GLN K 329 5.56 3.04 22.31
N ALA K 330 6.16 2.83 23.48
CA ALA K 330 6.15 3.85 24.52
C ALA K 330 7.34 4.78 24.40
N PRO L 296 12.93 29.93 -7.97
CA PRO L 296 11.58 29.39 -8.07
C PRO L 296 11.28 28.41 -6.93
N GLN L 297 10.30 28.72 -6.10
CA GLN L 297 9.89 27.87 -4.99
C GLN L 297 8.43 27.49 -5.17
N GLN L 298 8.10 26.26 -4.85
CA GLN L 298 6.77 25.72 -5.03
C GLN L 298 6.46 24.95 -3.76
N TYR L 299 5.32 25.25 -3.16
CA TYR L 299 4.91 24.67 -1.90
C TYR L 299 3.51 24.15 -2.07
N GLY L 300 3.30 22.89 -1.73
CA GLY L 300 2.00 22.28 -1.89
C GLY L 300 1.09 22.64 -0.75
N ILE L 301 1.34 22.12 0.44
CA ILE L 301 0.57 22.48 1.63
C ILE L 301 1.52 22.70 2.79
N GLN L 302 1.23 23.71 3.61
CA GLN L 302 2.05 24.07 4.76
C GLN L 302 1.18 24.10 6.00
N TYR L 303 1.67 23.52 7.08
CA TYR L 303 1.01 23.58 8.38
C TYR L 303 1.99 24.14 9.39
N SER L 304 1.49 25.02 10.25
CA SER L 304 2.29 25.66 11.29
C SER L 304 1.43 25.75 12.54
N ALA L 305 1.74 24.90 13.53
CA ALA L 305 0.98 24.84 14.78
C ALA L 305 -0.50 24.58 14.55
N SER L 306 -0.81 23.73 13.57
CA SER L 306 -2.19 23.53 13.16
C SER L 306 -2.61 22.08 13.41
N TYR L 307 -3.91 21.84 13.26
CA TYR L 307 -4.50 20.52 13.45
C TYR L 307 -5.18 20.11 12.15
N SER L 308 -4.79 18.96 11.59
CA SER L 308 -5.39 18.49 10.35
C SER L 308 -6.01 17.12 10.54
N GLN L 309 -7.26 16.99 10.09
CA GLN L 309 -7.99 15.72 10.09
C GLN L 309 -8.56 15.51 8.70
N GLN L 310 -8.05 14.51 7.99
CA GLN L 310 -8.40 14.25 6.59
C GLN L 310 -8.92 12.84 6.47
N THR L 311 -10.21 12.70 6.21
CA THR L 311 -10.86 11.40 6.26
C THR L 311 -11.12 10.81 4.87
N GLY L 312 -10.98 11.61 3.81
CA GLY L 312 -11.27 11.16 2.48
C GLY L 312 -10.04 11.07 1.61
N PRO L 313 -10.21 10.86 0.31
CA PRO L 313 -9.05 10.77 -0.59
C PRO L 313 -8.49 12.15 -0.94
N GLN L 314 -7.17 12.19 -1.14
CA GLN L 314 -6.43 13.44 -1.33
C GLN L 314 -5.37 13.20 -2.38
N GLN L 315 -5.27 14.14 -3.32
CA GLN L 315 -4.35 14.10 -4.44
C GLN L 315 -3.62 15.43 -4.54
N LEU L 316 -2.29 15.38 -4.59
CA LEU L 316 -1.46 16.56 -4.78
C LEU L 316 -0.47 16.24 -5.89
N GLN L 317 -0.57 16.93 -7.03
CA GLN L 317 0.37 16.76 -8.13
C GLN L 317 1.06 18.09 -8.42
N GLN L 318 2.39 18.07 -8.42
CA GLN L 318 3.21 19.25 -8.63
C GLN L 318 4.01 19.10 -9.91
N PHE L 319 4.08 20.16 -10.71
CA PHE L 319 4.94 20.23 -11.87
C PHE L 319 5.72 21.52 -11.75
N GLN L 320 7.04 21.42 -11.80
CA GLN L 320 7.92 22.59 -11.80
C GLN L 320 8.86 22.48 -12.99
N GLY L 321 8.91 23.54 -13.78
CA GLY L 321 9.69 23.56 -15.00
C GLY L 321 8.85 23.54 -16.26
N TYR L 322 8.71 22.35 -16.84
CA TYR L 322 8.01 22.14 -18.10
C TYR L 322 7.22 20.86 -17.91
N GLY L 323 6.01 20.99 -17.38
CA GLY L 323 5.18 19.85 -17.03
C GLY L 323 3.95 19.78 -17.92
N GLN L 324 3.62 18.56 -18.35
CA GLN L 324 2.46 18.32 -19.18
C GLN L 324 1.64 17.19 -18.59
N GLN L 325 0.34 17.41 -18.43
CA GLN L 325 -0.58 16.36 -17.97
C GLN L 325 -1.70 16.13 -18.98
N PRO L 326 -1.41 15.52 -20.14
CA PRO L 326 -2.48 15.26 -21.12
C PRO L 326 -3.28 14.00 -20.82
N THR L 327 -4.59 14.11 -21.01
CA THR L 327 -5.52 12.99 -20.87
C THR L 327 -6.30 12.83 -22.15
N SER L 328 -6.29 11.64 -22.74
CA SER L 328 -6.95 11.40 -24.01
C SER L 328 -7.84 10.18 -23.93
N GLN L 329 -9.02 10.26 -24.53
CA GLN L 329 -9.93 9.12 -24.60
C GLN L 329 -10.47 9.05 -26.02
N ALA L 330 -9.90 8.17 -26.83
CA ALA L 330 -10.32 8.04 -28.23
C ALA L 330 -11.44 7.02 -28.37
N PRO M 296 30.71 6.70 -6.62
CA PRO M 296 29.34 6.24 -6.45
C PRO M 296 29.18 5.42 -5.16
N GLN M 297 28.35 5.89 -4.24
CA GLN M 297 28.07 5.21 -2.98
C GLN M 297 26.58 4.90 -2.90
N GLN M 298 26.28 3.73 -2.37
CA GLN M 298 24.91 3.25 -2.29
C GLN M 298 24.75 2.66 -0.90
N TYR M 299 23.74 3.11 -0.18
CA TYR M 299 23.50 2.71 1.20
C TYR M 299 22.07 2.26 1.30
N GLY M 300 21.87 1.06 1.81
CA GLY M 300 20.53 0.51 1.93
C GLY M 300 19.82 1.06 3.14
N ILE M 301 20.23 0.67 4.34
CA ILE M 301 19.66 1.23 5.57
C ILE M 301 20.79 1.53 6.54
N GLN M 302 20.67 2.64 7.26
CA GLN M 302 21.66 3.09 8.21
C GLN M 302 21.00 3.34 9.55
N TYR M 303 21.62 2.85 10.62
CA TYR M 303 21.17 3.12 11.98
C TYR M 303 22.32 3.74 12.76
N SER M 304 21.98 4.75 13.56
CA SER M 304 22.95 5.46 14.38
C SER M 304 22.31 5.75 15.72
N ALA M 305 22.73 5.02 16.76
CA ALA M 305 22.17 5.16 18.10
C ALA M 305 20.66 4.95 18.13
N SER M 306 20.17 4.01 17.32
CA SER M 306 18.74 3.84 17.14
C SER M 306 18.30 2.46 17.64
N TYR M 307 16.99 2.29 17.72
CA TYR M 307 16.38 1.03 18.16
C TYR M 307 15.49 0.51 17.04
N SER M 308 15.75 -0.72 16.59
CA SER M 308 14.96 -1.30 15.51
C SER M 308 14.31 -2.61 15.96
N GLN M 309 13.01 -2.72 15.73
CA GLN M 309 12.24 -3.93 16.00
C GLN M 309 11.45 -4.27 14.74
N GLN M 310 11.80 -5.39 14.11
CA GLN M 310 11.24 -5.79 12.82
C GLN M 310 10.66 -7.18 12.95
N THR M 311 9.33 -7.27 12.91
CA THR M 311 8.63 -8.51 13.22
C THR M 311 8.15 -9.26 11.97
N GLY M 312 8.15 -8.61 10.81
CA GLY M 312 7.65 -9.20 9.61
C GLY M 312 8.74 -9.47 8.60
N PRO M 313 8.36 -9.81 7.37
CA PRO M 313 9.37 -10.08 6.32
C PRO M 313 9.93 -8.80 5.72
N GLN M 314 11.19 -8.86 5.33
CA GLN M 314 11.94 -7.69 4.87
C GLN M 314 12.82 -8.11 3.70
N GLN M 315 12.81 -7.30 2.66
CA GLN M 315 13.55 -7.54 1.42
C GLN M 315 14.31 -6.27 1.05
N LEU M 316 15.61 -6.41 0.81
CA LEU M 316 16.46 -5.31 0.35
C LEU M 316 17.25 -5.82 -0.84
N GLN M 317 17.00 -5.27 -2.02
CA GLN M 317 17.75 -5.62 -3.22
C GLN M 317 18.43 -4.39 -3.79
N GLN M 318 19.76 -4.48 -3.97
CA GLN M 318 20.58 -3.39 -4.45
C GLN M 318 21.19 -3.75 -5.80
N PHE M 319 21.15 -2.80 -6.73
CA PHE M 319 21.85 -2.92 -8.01
C PHE M 319 22.68 -1.66 -8.18
N GLN M 320 23.98 -1.85 -8.41
CA GLN M 320 24.90 -0.75 -8.69
C GLN M 320 25.63 -1.06 -9.98
N GLY M 321 25.60 -0.11 -10.89
CA GLY M 321 26.18 -0.28 -12.21
C GLY M 321 25.17 -0.40 -13.32
N TYR M 322 24.89 -1.64 -13.72
CA TYR M 322 24.00 -1.97 -14.83
C TYR M 322 23.19 -3.17 -14.35
N GLY M 323 22.08 -2.90 -13.68
CA GLY M 323 21.27 -3.94 -13.05
C GLY M 323 19.93 -4.06 -13.74
N GLN M 324 19.48 -5.29 -13.95
CA GLN M 324 18.19 -5.56 -14.57
C GLN M 324 17.44 -6.57 -13.73
N GLN M 325 16.19 -6.25 -13.41
CA GLN M 325 15.30 -7.18 -12.69
C GLN M 325 14.04 -7.46 -13.49
N PRO M 326 14.12 -8.22 -14.58
CA PRO M 326 12.91 -8.54 -15.36
C PRO M 326 12.11 -9.71 -14.78
N THR M 327 10.79 -9.55 -14.79
CA THR M 327 9.86 -10.59 -14.36
C THR M 327 8.88 -10.85 -15.49
N SER M 328 8.75 -12.10 -15.92
CA SER M 328 7.90 -12.45 -17.04
C SER M 328 6.98 -13.61 -16.67
N GLN M 329 5.73 -13.53 -17.09
CA GLN M 329 4.78 -14.62 -16.88
C GLN M 329 4.02 -14.82 -18.19
N ALA M 330 4.42 -15.83 -18.95
CA ALA M 330 3.79 -16.11 -20.23
C ALA M 330 2.63 -17.07 -20.08
N PRO N 296 -34.44 -4.62 -0.68
CA PRO N 296 -33.68 -3.37 -0.79
C PRO N 296 -32.34 -3.58 -1.51
N GLN N 297 -32.16 -2.93 -2.65
CA GLN N 297 -30.94 -3.01 -3.44
C GLN N 297 -30.34 -1.62 -3.56
N GLN N 298 -29.01 -1.55 -3.48
CA GLN N 298 -28.30 -0.29 -3.51
C GLN N 298 -27.12 -0.52 -4.44
N TYR N 299 -26.97 0.35 -5.41
CA TYR N 299 -25.94 0.25 -6.43
C TYR N 299 -25.21 1.57 -6.50
N GLY N 300 -23.90 1.52 -6.38
CA GLY N 300 -23.11 2.73 -6.41
C GLY N 300 -22.88 3.22 -7.81
N ILE N 301 -22.08 2.51 -8.59
CA ILE N 301 -21.87 2.86 -10.00
C ILE N 301 -21.91 1.58 -10.82
N GLN N 302 -22.51 1.66 -12.00
CA GLN N 302 -22.66 0.53 -12.91
C GLN N 302 -22.11 0.91 -14.27
N TYR N 303 -21.32 0.02 -14.86
CA TYR N 303 -20.83 0.19 -16.23
C TYR N 303 -21.24 -1.03 -17.04
N SER N 304 -21.68 -0.78 -18.27
CA SER N 304 -22.10 -1.82 -19.19
C SER N 304 -21.60 -1.46 -20.57
N ALA N 305 -20.58 -2.16 -21.04
CA ALA N 305 -19.96 -1.91 -22.35
C ALA N 305 -19.47 -0.47 -22.47
N SER N 306 -18.94 0.09 -21.39
CA SER N 306 -18.58 1.49 -21.36
C SER N 306 -17.08 1.66 -21.17
N TYR N 307 -16.63 2.90 -21.33
CA TYR N 307 -15.22 3.26 -21.18
C TYR N 307 -15.11 4.31 -20.09
N SER N 308 -14.31 4.03 -19.05
CA SER N 308 -14.15 4.98 -17.96
C SER N 308 -12.68 5.37 -17.78
N GLN N 309 -12.43 6.67 -17.72
CA GLN N 309 -11.12 7.23 -17.46
C GLN N 309 -11.24 8.24 -16.32
N GLN N 310 -10.64 7.92 -15.18
CA GLN N 310 -10.78 8.70 -13.96
C GLN N 310 -9.40 9.09 -13.46
N THR N 311 -9.08 10.38 -13.58
CA THR N 311 -7.73 10.85 -13.32
C THR N 311 -7.57 11.52 -11.95
N GLY N 312 -8.67 11.84 -11.28
CA GLY N 312 -8.62 12.52 -10.02
C GLY N 312 -9.07 11.66 -8.86
N PRO N 313 -9.26 12.27 -7.69
CA PRO N 313 -9.71 11.49 -6.52
C PRO N 313 -11.21 11.21 -6.55
N GLN N 314 -11.60 10.06 -6.01
CA GLN N 314 -12.95 9.56 -6.08
C GLN N 314 -13.31 8.92 -4.76
N GLN N 315 -14.50 9.24 -4.26
CA GLN N 315 -15.01 8.77 -2.98
C GLN N 315 -16.43 8.25 -3.17
N LEU N 316 -16.67 7.02 -2.72
CA LEU N 316 -18.00 6.42 -2.74
C LEU N 316 -18.27 5.86 -1.36
N GLN N 317 -19.25 6.41 -0.65
CA GLN N 317 -19.65 5.91 0.66
C GLN N 317 -21.11 5.50 0.64
N GLN N 318 -21.38 4.25 1.02
CA GLN N 318 -22.71 3.67 1.02
C GLN N 318 -23.14 3.35 2.44
N PHE N 319 -24.39 3.68 2.77
CA PHE N 319 -25.01 3.27 4.02
C PHE N 319 -26.34 2.63 3.67
N GLN N 320 -26.55 1.40 4.12
CA GLN N 320 -27.79 0.70 3.95
C GLN N 320 -28.28 0.23 5.32
N GLY N 321 -29.52 0.56 5.64
CA GLY N 321 -30.10 0.26 6.93
C GLY N 321 -30.30 1.48 7.80
N TYR N 322 -29.36 1.71 8.71
CA TYR N 322 -29.42 2.78 9.71
C TYR N 322 -28.00 3.33 9.77
N GLY N 323 -27.69 4.29 8.91
CA GLY N 323 -26.35 4.83 8.77
C GLY N 323 -26.30 6.27 9.23
N GLN N 324 -25.24 6.62 9.95
CA GLN N 324 -25.04 7.98 10.43
C GLN N 324 -23.63 8.42 10.11
N GLN N 325 -23.51 9.59 9.50
CA GLN N 325 -22.20 10.20 9.22
C GLN N 325 -22.07 11.57 9.86
N PRO N 326 -21.94 11.65 11.19
CA PRO N 326 -21.78 12.96 11.84
C PRO N 326 -20.36 13.48 11.81
N THR N 327 -20.23 14.79 11.54
CA THR N 327 -18.95 15.49 11.57
C THR N 327 -19.06 16.66 12.53
N SER N 328 -18.14 16.74 13.49
CA SER N 328 -18.19 17.78 14.52
C SER N 328 -16.84 18.46 14.64
N GLN N 329 -16.85 19.78 14.78
CA GLN N 329 -15.63 20.54 15.00
C GLN N 329 -15.90 21.54 16.11
N ALA N 330 -15.47 21.21 17.32
CA ALA N 330 -15.70 22.07 18.48
C ALA N 330 -14.57 23.07 18.66
N PRO O 296 -13.22 -26.99 14.01
CA PRO O 296 -12.44 -25.83 13.59
C PRO O 296 -11.26 -26.24 12.70
N GLN O 297 -11.26 -25.76 11.45
CA GLN O 297 -10.20 -26.04 10.50
C GLN O 297 -9.57 -24.73 10.06
N GLN O 298 -8.25 -24.74 9.90
CA GLN O 298 -7.50 -23.56 9.56
C GLN O 298 -6.51 -23.99 8.50
N TYR O 299 -6.49 -23.28 7.39
CA TYR O 299 -5.67 -23.61 6.23
C TYR O 299 -4.91 -22.36 5.85
N GLY O 300 -3.60 -22.48 5.75
CA GLY O 300 -2.78 -21.34 5.40
C GLY O 300 -2.78 -21.08 3.93
N ILE O 301 -2.17 -21.94 3.13
CA ILE O 301 -2.19 -21.82 1.68
C ILE O 301 -2.43 -23.19 1.07
N GLN O 302 -3.23 -23.23 0.02
CA GLN O 302 -3.59 -24.47 -0.66
C GLN O 302 -3.27 -24.33 -2.14
N TYR O 303 -2.65 -25.34 -2.72
CA TYR O 303 -2.40 -25.41 -4.15
C TYR O 303 -2.99 -26.70 -4.69
N SER O 304 -3.63 -26.60 -5.86
CA SER O 304 -4.26 -27.73 -6.52
C SER O 304 -4.00 -27.59 -8.01
N ALA O 305 -3.10 -28.43 -8.53
CA ALA O 305 -2.72 -28.41 -9.94
C ALA O 305 -2.20 -27.04 -10.37
N SER O 306 -1.45 -26.38 -9.48
CA SER O 306 -1.04 -25.00 -9.74
C SER O 306 0.48 -24.92 -9.82
N TYR O 307 0.95 -23.75 -10.25
CA TYR O 307 2.38 -23.47 -10.39
C TYR O 307 2.72 -22.29 -9.51
N SER O 308 3.68 -22.47 -8.59
CA SER O 308 4.09 -21.39 -7.70
C SER O 308 5.57 -21.09 -7.85
N GLN O 309 5.87 -19.80 -8.02
CA GLN O 309 7.25 -19.30 -8.07
C GLN O 309 7.37 -18.15 -7.09
N GLN O 310 8.15 -18.34 -6.04
CA GLN O 310 8.27 -17.38 -4.94
C GLN O 310 9.73 -17.02 -4.76
N THR O 311 10.08 -15.79 -5.11
CA THR O 311 11.47 -15.39 -5.16
C THR O 311 11.90 -14.54 -3.96
N GLY O 312 10.96 -14.05 -3.17
CA GLY O 312 11.26 -13.20 -2.05
C GLY O 312 10.98 -13.85 -0.72
N PRO O 313 11.02 -13.08 0.37
CA PRO O 313 10.76 -13.65 1.70
C PRO O 313 9.26 -13.82 1.95
N GLN O 314 8.94 -14.86 2.72
CA GLN O 314 7.55 -15.27 2.96
C GLN O 314 7.42 -15.69 4.41
N GLN O 315 6.36 -15.21 5.05
CA GLN O 315 6.06 -15.46 6.45
C GLN O 315 4.62 -15.90 6.58
N LEU O 316 4.39 -17.03 7.25
CA LEU O 316 3.06 -17.53 7.54
C LEU O 316 3.02 -17.87 9.02
N GLN O 317 2.20 -17.16 9.80
CA GLN O 317 2.03 -17.44 11.22
C GLN O 317 0.56 -17.75 11.50
N GLN O 318 0.32 -18.90 12.12
CA GLN O 318 -1.02 -19.39 12.41
C GLN O 318 -1.21 -19.47 13.92
N PHE O 319 -2.36 -19.02 14.40
CA PHE O 319 -2.77 -19.19 15.79
C PHE O 319 -4.17 -19.79 15.77
N GLN O 320 -4.34 -20.91 16.45
CA GLN O 320 -5.64 -21.55 16.59
C GLN O 320 -5.88 -21.78 18.07
N GLY O 321 -7.04 -21.32 18.55
CA GLY O 321 -7.38 -21.40 19.95
C GLY O 321 -7.37 -20.05 20.65
N TYR O 322 -6.28 -19.77 21.34
CA TYR O 322 -6.12 -18.57 22.16
C TYR O 322 -4.68 -18.11 21.90
N GLY O 323 -4.49 -17.31 20.85
CA GLY O 323 -3.18 -16.89 20.41
C GLY O 323 -2.99 -15.40 20.63
N GLN O 324 -1.80 -15.03 21.10
CA GLN O 324 -1.45 -13.64 21.33
C GLN O 324 -0.10 -13.34 20.70
N GLN O 325 -0.04 -12.27 19.91
CA GLN O 325 1.22 -11.81 19.32
C GLN O 325 1.53 -10.37 19.72
N PRO O 326 1.90 -10.12 20.98
CA PRO O 326 2.23 -8.74 21.39
C PRO O 326 3.65 -8.33 21.04
N THR O 327 3.78 -7.09 20.56
CA THR O 327 5.06 -6.48 20.26
C THR O 327 5.19 -5.18 21.04
N SER O 328 6.26 -5.04 21.81
CA SER O 328 6.44 -3.86 22.65
C SER O 328 7.82 -3.26 22.44
N GLN O 329 7.89 -1.94 22.38
CA GLN O 329 9.18 -1.24 22.27
C GLN O 329 9.14 -0.08 23.25
N ALA O 330 9.76 -0.26 24.41
CA ALA O 330 9.79 0.78 25.44
C ALA O 330 10.97 1.71 25.27
N PRO P 296 9.89 33.73 -8.17
CA PRO P 296 8.53 33.19 -8.31
C PRO P 296 8.21 32.17 -7.21
N GLN P 297 7.21 32.47 -6.40
CA GLN P 297 6.77 31.59 -5.31
C GLN P 297 5.32 31.20 -5.54
N GLN P 298 5.01 29.95 -5.25
CA GLN P 298 3.68 29.41 -5.47
C GLN P 298 3.34 28.61 -4.23
N TYR P 299 2.19 28.90 -3.65
CA TYR P 299 1.76 28.27 -2.41
C TYR P 299 0.35 27.75 -2.64
N GLY P 300 0.16 26.47 -2.33
CA GLY P 300 -1.13 25.87 -2.53
C GLY P 300 -2.08 26.20 -1.41
N ILE P 301 -1.85 25.65 -0.22
CA ILE P 301 -2.66 25.98 0.95
C ILE P 301 -1.74 26.18 2.14
N GLN P 302 -2.05 27.17 2.97
CA GLN P 302 -1.26 27.52 4.14
C GLN P 302 -2.17 27.52 5.37
N TYR P 303 -1.70 26.90 6.45
CA TYR P 303 -2.39 26.94 7.73
C TYR P 303 -1.45 27.48 8.79
N SER P 304 -1.98 28.35 9.65
CA SER P 304 -1.21 28.97 10.71
C SER P 304 -2.09 29.02 11.95
N ALA P 305 -1.81 28.16 12.92
CA ALA P 305 -2.59 28.07 14.16
C ALA P 305 -4.06 27.79 13.88
N SER P 306 -4.34 26.97 12.88
CA SER P 306 -5.71 26.75 12.43
C SER P 306 -6.13 25.31 12.64
N TYR P 307 -7.41 25.05 12.46
CA TYR P 307 -8.00 23.73 12.61
C TYR P 307 -8.64 23.34 11.28
N SER P 308 -8.23 22.21 10.71
CA SER P 308 -8.79 21.77 9.44
C SER P 308 -9.41 20.38 9.58
N GLN P 309 -10.65 20.24 9.11
CA GLN P 309 -11.37 18.97 9.06
C GLN P 309 -11.90 18.79 7.64
N GLN P 310 -11.37 17.80 6.93
CA GLN P 310 -11.68 17.58 5.52
C GLN P 310 -12.18 16.15 5.35
N THR P 311 -13.46 16.02 5.05
CA THR P 311 -14.12 14.71 5.06
C THR P 311 -14.33 14.15 3.65
N GLY P 312 -14.17 14.97 2.62
CA GLY P 312 -14.42 14.54 1.26
C GLY P 312 -13.15 14.48 0.43
N PRO P 313 -13.31 14.31 -0.88
CA PRO P 313 -12.12 14.25 -1.76
C PRO P 313 -11.55 15.63 -2.06
N GLN P 314 -10.23 15.69 -2.23
CA GLN P 314 -9.50 16.94 -2.37
C GLN P 314 -8.42 16.75 -3.40
N GLN P 315 -8.30 17.71 -4.32
CA GLN P 315 -7.35 17.69 -5.41
C GLN P 315 -6.63 19.03 -5.47
N LEU P 316 -5.30 18.99 -5.48
CA LEU P 316 -4.47 20.18 -5.62
C LEU P 316 -3.45 19.89 -6.73
N GLN P 317 -3.53 20.61 -7.84
CA GLN P 317 -2.56 20.47 -8.92
C GLN P 317 -1.88 21.81 -9.17
N GLN P 318 -0.56 21.80 -9.13
CA GLN P 318 0.26 22.99 -9.30
C GLN P 318 1.11 22.87 -10.56
N PHE P 319 1.17 23.95 -11.33
CA PHE P 319 2.08 24.05 -12.47
C PHE P 319 2.85 25.35 -12.31
N GLN P 320 4.16 25.27 -12.33
CA GLN P 320 5.03 26.43 -12.28
C GLN P 320 5.99 26.35 -13.45
N GLY P 321 6.06 27.43 -14.22
CA GLY P 321 6.87 27.49 -15.42
C GLY P 321 6.06 27.49 -16.69
N TYR P 322 5.94 26.31 -17.31
CA TYR P 322 5.28 26.13 -18.60
C TYR P 322 4.49 24.83 -18.45
N GLY P 323 3.27 24.94 -17.95
CA GLY P 323 2.44 23.78 -17.62
C GLY P 323 1.24 23.71 -18.55
N GLN P 324 0.92 22.51 -19.02
CA GLN P 324 -0.22 22.28 -19.89
C GLN P 324 -1.03 21.12 -19.34
N GLN P 325 -2.34 21.33 -19.21
CA GLN P 325 -3.26 20.27 -18.80
C GLN P 325 -4.36 20.05 -19.84
N PRO P 326 -4.04 19.47 -21.00
CA PRO P 326 -5.08 19.22 -22.01
C PRO P 326 -5.87 17.95 -21.76
N THR P 327 -7.18 18.05 -21.98
CA THR P 327 -8.10 16.92 -21.88
C THR P 327 -8.86 16.79 -23.20
N SER P 328 -8.82 15.61 -23.80
CA SER P 328 -9.43 15.39 -25.10
C SER P 328 -10.31 14.15 -25.07
N GLN P 329 -11.49 14.25 -25.69
CA GLN P 329 -12.38 13.10 -25.81
C GLN P 329 -12.89 13.06 -27.25
N ALA P 330 -12.29 12.20 -28.06
CA ALA P 330 -12.67 12.09 -29.46
C ALA P 330 -13.79 11.06 -29.66
N PRO Q 296 33.58 2.77 -6.35
CA PRO Q 296 32.21 2.31 -6.14
C PRO Q 296 32.07 1.53 -4.84
N GLN Q 297 31.27 2.02 -3.90
CA GLN Q 297 31.02 1.37 -2.62
C GLN Q 297 29.54 1.07 -2.50
N GLN Q 298 29.22 -0.08 -1.94
CA GLN Q 298 27.86 -0.55 -1.81
C GLN Q 298 27.75 -1.10 -0.41
N TYR Q 299 26.75 -0.63 0.33
CA TYR Q 299 26.54 -1.01 1.72
C TYR Q 299 25.10 -1.45 1.86
N GLY Q 300 24.91 -2.63 2.41
CA GLY Q 300 23.58 -3.15 2.58
C GLY Q 300 22.88 -2.57 3.79
N ILE Q 301 23.33 -2.93 4.99
CA ILE Q 301 22.80 -2.36 6.21
C ILE Q 301 23.95 -2.05 7.15
N GLN Q 302 23.86 -0.91 7.84
CA GLN Q 302 24.89 -0.45 8.77
C GLN Q 302 24.25 -0.18 10.11
N TYR Q 303 24.90 -0.64 11.17
CA TYR Q 303 24.49 -0.35 12.54
C TYR Q 303 25.65 0.28 13.28
N SER Q 304 25.35 1.31 14.06
CA SER Q 304 26.35 2.03 14.85
C SER Q 304 25.74 2.37 16.20
N ALA Q 305 26.18 1.64 17.23
CA ALA Q 305 25.65 1.81 18.60
C ALA Q 305 24.14 1.62 18.66
N SER Q 306 23.63 0.67 17.89
CA SER Q 306 22.18 0.51 17.75
C SER Q 306 21.75 -0.86 18.28
N TYR Q 307 20.44 -1.03 18.40
CA TYR Q 307 19.84 -2.26 18.89
C TYR Q 307 18.92 -2.80 17.80
N SER Q 308 19.15 -4.03 17.36
CA SER Q 308 18.33 -4.64 16.32
C SER Q 308 17.68 -5.93 16.82
N GLN Q 309 16.36 -6.03 16.62
CA GLN Q 309 15.59 -7.23 16.93
C GLN Q 309 14.78 -7.58 15.70
N GLN Q 310 15.10 -8.72 15.08
CA GLN Q 310 14.50 -9.14 13.82
C GLN Q 310 13.90 -10.53 14.00
N THR Q 311 12.59 -10.61 14.00
CA THR Q 311 11.90 -11.84 14.34
C THR Q 311 11.37 -12.60 13.12
N GLY Q 312 11.34 -11.97 11.95
CA GLY Q 312 10.81 -12.59 10.77
C GLY Q 312 11.87 -12.89 9.73
N PRO Q 313 11.46 -13.26 8.53
CA PRO Q 313 12.43 -13.56 7.47
C PRO Q 313 12.99 -12.29 6.81
N GLN Q 314 14.26 -12.37 6.40
CA GLN Q 314 14.99 -11.22 5.90
C GLN Q 314 15.84 -11.67 4.72
N GLN Q 315 15.81 -10.88 3.65
CA GLN Q 315 16.52 -11.16 2.41
C GLN Q 315 17.27 -9.91 1.98
N LEU Q 316 18.57 -10.05 1.73
CA LEU Q 316 19.41 -8.97 1.22
C LEU Q 316 20.17 -9.52 0.02
N GLN Q 317 19.90 -8.99 -1.18
CA GLN Q 317 20.62 -9.38 -2.38
C GLN Q 317 21.30 -8.16 -2.99
N GLN Q 318 22.61 -8.27 -3.21
CA GLN Q 318 23.43 -7.19 -3.73
C GLN Q 318 23.99 -7.58 -5.09
N PHE Q 319 23.95 -6.66 -6.03
CA PHE Q 319 24.61 -6.81 -7.32
C PHE Q 319 25.45 -5.57 -7.55
N GLN Q 320 26.74 -5.77 -7.80
CA GLN Q 320 27.65 -4.68 -8.12
C GLN Q 320 28.36 -5.02 -9.42
N GLY Q 321 28.31 -4.09 -10.37
CA GLY Q 321 28.86 -4.30 -11.68
C GLY Q 321 27.81 -4.44 -12.77
N TYR Q 322 27.52 -5.68 -13.13
CA TYR Q 322 26.60 -6.02 -14.22
C TYR Q 322 25.80 -7.20 -13.69
N GLY Q 323 24.70 -6.92 -12.99
CA GLY Q 323 23.90 -7.93 -12.33
C GLY Q 323 22.54 -8.05 -12.98
N GLN Q 324 22.08 -9.28 -13.15
CA GLN Q 324 20.77 -9.56 -13.73
C GLN Q 324 20.02 -10.54 -12.85
N GLN Q 325 18.78 -10.21 -12.51
CA GLN Q 325 17.92 -11.11 -11.75
C GLN Q 325 16.63 -11.40 -12.51
N PRO Q 326 16.68 -12.19 -13.59
CA PRO Q 326 15.45 -12.52 -14.33
C PRO Q 326 14.66 -13.65 -13.70
N THR Q 327 13.33 -13.49 -13.67
CA THR Q 327 12.40 -14.50 -13.21
C THR Q 327 11.39 -14.78 -14.31
N SER Q 328 11.25 -16.05 -14.70
CA SER Q 328 10.37 -16.42 -15.80
C SER Q 328 9.45 -17.56 -15.38
N GLN Q 329 8.19 -17.47 -15.78
CA GLN Q 329 7.22 -18.54 -15.52
C GLN Q 329 6.43 -18.77 -16.80
N ALA Q 330 6.82 -19.80 -17.55
CA ALA Q 330 6.16 -20.10 -18.82
C ALA Q 330 4.98 -21.05 -18.61
N PRO R 296 -37.36 -1.34 -2.81
CA PRO R 296 -36.62 -0.08 -2.86
C PRO R 296 -35.26 -0.27 -3.55
N GLN R 297 -35.06 0.41 -4.68
CA GLN R 297 -33.81 0.35 -5.44
C GLN R 297 -33.21 1.75 -5.52
N GLN R 298 -31.90 1.82 -5.41
CA GLN R 298 -31.20 3.09 -5.39
C GLN R 298 -29.98 2.89 -6.29
N TYR R 299 -29.82 3.80 -7.25
CA TYR R 299 -28.77 3.70 -8.23
C TYR R 299 -28.05 5.03 -8.26
N GLY R 300 -26.73 4.99 -8.11
CA GLY R 300 -25.96 6.21 -8.08
C GLY R 300 -25.70 6.74 -9.48
N ILE R 301 -24.87 6.06 -10.25
CA ILE R 301 -24.64 6.43 -11.65
C ILE R 301 -24.63 5.17 -12.49
N GLN R 302 -25.21 5.27 -13.68
CA GLN R 302 -25.32 4.16 -14.62
C GLN R 302 -24.75 4.58 -15.96
N TYR R 303 -23.94 3.70 -16.55
CA TYR R 303 -23.42 3.90 -17.89
C TYR R 303 -23.79 2.70 -18.75
N SER R 304 -24.20 2.98 -19.98
CA SER R 304 -24.60 1.95 -20.93
C SER R 304 -24.07 2.34 -22.30
N ALA R 305 -23.02 1.66 -22.76
CA ALA R 305 -22.37 1.94 -24.03
C ALA R 305 -21.89 3.39 -24.13
N SER R 306 -21.40 3.93 -23.01
CA SER R 306 -21.05 5.34 -22.94
C SER R 306 -19.56 5.52 -22.71
N TYR R 307 -19.10 6.75 -22.83
CA TYR R 307 -17.71 7.13 -22.65
C TYR R 307 -17.64 8.15 -21.52
N SER R 308 -16.86 7.86 -20.48
CA SER R 308 -16.73 8.79 -19.36
C SER R 308 -15.28 9.19 -19.15
N GLN R 309 -15.04 10.49 -19.05
CA GLN R 309 -13.73 11.05 -18.74
C GLN R 309 -13.90 12.03 -17.58
N GLN R 310 -13.32 11.70 -16.43
CA GLN R 310 -13.51 12.45 -15.19
C GLN R 310 -12.13 12.84 -14.66
N THR R 311 -11.82 14.12 -14.73
CA THR R 311 -10.48 14.61 -14.44
C THR R 311 -10.37 15.24 -13.06
N GLY R 312 -11.48 15.54 -12.40
CA GLY R 312 -11.46 16.21 -11.12
C GLY R 312 -11.94 15.31 -10.00
N PRO R 313 -12.16 15.89 -8.82
CA PRO R 313 -12.64 15.09 -7.68
C PRO R 313 -14.13 14.80 -7.75
N GLN R 314 -14.52 13.63 -7.25
CA GLN R 314 -15.87 13.12 -7.38
C GLN R 314 -16.26 12.45 -6.07
N GLN R 315 -17.46 12.75 -5.59
CA GLN R 315 -18.00 12.25 -4.33
C GLN R 315 -19.40 11.73 -4.57
N LEU R 316 -19.66 10.49 -4.15
CA LEU R 316 -20.98 9.87 -4.22
C LEU R 316 -21.28 9.28 -2.86
N GLN R 317 -22.28 9.81 -2.16
CA GLN R 317 -22.69 9.27 -0.87
C GLN R 317 -24.16 8.85 -0.94
N GLN R 318 -24.43 7.60 -0.58
CA GLN R 318 -25.75 7.01 -0.65
C GLN R 318 -26.21 6.65 0.76
N PHE R 319 -27.47 6.96 1.07
CA PHE R 319 -28.13 6.52 2.29
C PHE R 319 -29.43 5.87 1.90
N GLN R 320 -29.64 4.64 2.32
CA GLN R 320 -30.89 3.93 2.11
C GLN R 320 -31.40 3.42 3.45
N GLY R 321 -32.65 3.74 3.74
CA GLY R 321 -33.26 3.41 5.02
C GLY R 321 -33.49 4.61 5.91
N TYR R 322 -32.58 4.82 6.85
CA TYR R 322 -32.66 5.87 7.86
C TYR R 322 -31.26 6.43 7.97
N GLY R 323 -30.94 7.42 7.14
CA GLY R 323 -29.59 7.96 7.04
C GLY R 323 -29.57 9.39 7.52
N GLN R 324 -28.53 9.74 8.29
CA GLN R 324 -28.36 11.09 8.80
C GLN R 324 -26.94 11.54 8.52
N GLN R 325 -26.81 12.74 7.94
CA GLN R 325 -25.50 13.35 7.70
C GLN R 325 -25.40 14.72 8.38
N PRO R 326 -25.30 14.76 9.72
CA PRO R 326 -25.17 16.06 10.40
C PRO R 326 -23.74 16.61 10.41
N THR R 327 -23.63 17.91 10.18
CA THR R 327 -22.36 18.62 10.24
C THR R 327 -22.50 19.78 11.23
N SER R 328 -21.60 19.83 12.22
CA SER R 328 -21.69 20.84 13.26
C SER R 328 -20.35 21.54 13.43
N GLN R 329 -20.38 22.86 13.60
CA GLN R 329 -19.16 23.63 13.87
C GLN R 329 -19.48 24.61 15.00
N ALA R 330 -19.08 24.25 16.22
CA ALA R 330 -19.33 25.08 17.38
C ALA R 330 -18.22 26.09 17.61
N PRO S 296 -10.09 -30.12 16.08
CA PRO S 296 -9.30 -28.95 15.61
C PRO S 296 -8.15 -29.39 14.69
N GLN S 297 -8.18 -28.95 13.43
CA GLN S 297 -7.15 -29.26 12.46
C GLN S 297 -6.51 -27.96 11.99
N GLN S 298 -5.20 -27.99 11.80
CA GLN S 298 -4.45 -26.83 11.41
C GLN S 298 -3.49 -27.29 10.33
N TYR S 299 -3.51 -26.59 9.20
CA TYR S 299 -2.71 -26.96 8.05
C TYR S 299 -1.94 -25.72 7.61
N GLY S 300 -0.64 -25.86 7.48
CA GLY S 300 0.18 -24.74 7.09
C GLY S 300 0.14 -24.49 5.60
N ILE S 301 0.73 -25.39 4.81
CA ILE S 301 0.66 -25.29 3.36
C ILE S 301 0.41 -26.68 2.79
N GLN S 302 -0.43 -26.74 1.75
CA GLN S 302 -0.80 -27.99 1.11
C GLN S 302 -0.53 -27.88 -0.38
N TYR S 303 0.08 -28.91 -0.94
CA TYR S 303 0.29 -29.01 -2.38
C TYR S 303 -0.33 -30.30 -2.88
N SER S 304 -0.99 -30.22 -4.03
CA SER S 304 -1.65 -31.36 -4.65
C SER S 304 -1.43 -31.26 -6.15
N ALA S 305 -0.55 -32.12 -6.68
CA ALA S 305 -0.20 -32.13 -8.10
C ALA S 305 0.32 -30.77 -8.57
N SER S 306 1.09 -30.09 -7.73
CA SER S 306 1.51 -28.73 -8.01
C SER S 306 3.03 -28.66 -8.13
N TYR S 307 3.51 -27.51 -8.60
CA TYR S 307 4.92 -27.25 -8.79
C TYR S 307 5.30 -26.04 -7.92
N SER S 308 6.28 -26.21 -7.05
CA SER S 308 6.71 -25.12 -6.18
C SER S 308 8.19 -24.83 -6.37
N GLN S 309 8.51 -23.55 -6.57
CA GLN S 309 9.89 -23.07 -6.68
C GLN S 309 10.03 -21.89 -5.72
N GLN S 310 10.84 -22.06 -4.69
CA GLN S 310 10.99 -21.08 -3.60
C GLN S 310 12.46 -20.74 -3.47
N THR S 311 12.81 -19.52 -3.86
CA THR S 311 14.21 -19.12 -3.95
C THR S 311 14.67 -18.26 -2.79
N GLY S 312 13.75 -17.74 -1.98
CA GLY S 312 14.09 -16.87 -0.89
C GLY S 312 13.85 -17.50 0.46
N PRO S 313 13.92 -16.70 1.53
CA PRO S 313 13.69 -17.24 2.88
C PRO S 313 12.20 -17.39 3.18
N GLN S 314 11.88 -18.41 3.99
CA GLN S 314 10.50 -18.80 4.25
C GLN S 314 10.40 -19.19 5.72
N GLN S 315 9.35 -18.70 6.37
CA GLN S 315 9.10 -18.91 7.79
C GLN S 315 7.65 -19.34 7.97
N LEU S 316 7.43 -20.45 8.66
CA LEU S 316 6.10 -20.93 9.01
C LEU S 316 6.10 -21.24 10.49
N GLN S 317 5.30 -20.50 11.26
CA GLN S 317 5.17 -20.75 12.70
C GLN S 317 3.71 -21.04 13.02
N GLN S 318 3.47 -22.18 13.67
CA GLN S 318 2.13 -22.65 14.02
C GLN S 318 1.98 -22.70 15.52
N PHE S 319 0.85 -22.22 16.02
CA PHE S 319 0.47 -22.37 17.42
C PHE S 319 -0.93 -22.95 17.46
N GLN S 320 -1.09 -24.06 18.15
CA GLN S 320 -2.40 -24.68 18.35
C GLN S 320 -2.60 -24.88 19.84
N GLY S 321 -3.74 -24.40 20.34
CA GLY S 321 -4.06 -24.43 21.74
C GLY S 321 -4.02 -23.09 22.41
N TYR S 322 -2.91 -22.79 23.07
CA TYR S 322 -2.71 -21.58 23.85
C TYR S 322 -1.28 -21.15 23.55
N GLY S 323 -1.12 -20.36 22.48
CA GLY S 323 0.20 -19.97 22.00
C GLY S 323 0.41 -18.47 22.18
N GLN S 324 1.61 -18.10 22.62
CA GLN S 324 1.97 -16.70 22.81
C GLN S 324 3.30 -16.44 22.15
N GLN S 325 3.35 -15.39 21.33
CA GLN S 325 4.60 -14.96 20.70
C GLN S 325 4.93 -13.51 21.06
N PRO S 326 5.33 -13.23 22.31
CA PRO S 326 5.69 -11.85 22.67
C PRO S 326 7.10 -11.45 22.27
N THR S 327 7.24 -10.22 21.77
CA THR S 327 8.51 -9.63 21.43
C THR S 327 8.67 -8.32 22.16
N SER S 328 9.77 -8.16 22.91
CA SER S 328 9.97 -6.98 23.72
C SER S 328 11.35 -6.39 23.46
N GLN S 329 11.43 -5.06 23.38
CA GLN S 329 12.71 -4.38 23.22
C GLN S 329 12.71 -3.19 24.18
N ALA S 330 13.36 -3.36 25.32
CA ALA S 330 13.42 -2.31 26.33
C ALA S 330 14.61 -1.39 26.11
N PRO T 296 36.42 -1.19 -6.08
CA PRO T 296 35.05 -1.62 -5.83
C PRO T 296 34.94 -2.39 -4.51
N GLN T 297 34.17 -1.86 -3.56
CA GLN T 297 33.95 -2.48 -2.26
C GLN T 297 32.47 -2.77 -2.09
N GLN T 298 32.16 -3.91 -1.50
CA GLN T 298 30.80 -4.36 -1.33
C GLN T 298 30.72 -4.88 0.09
N TYR T 299 29.73 -4.39 0.84
CA TYR T 299 29.56 -4.73 2.24
C TYR T 299 28.13 -5.15 2.43
N GLY T 300 27.94 -6.33 3.02
CA GLY T 300 26.61 -6.84 3.21
C GLY T 300 25.95 -6.22 4.43
N ILE T 301 26.42 -6.56 5.62
CA ILE T 301 25.92 -5.95 6.85
C ILE T 301 27.11 -5.63 7.76
N GLN T 302 27.03 -4.49 8.43
CA GLN T 302 28.09 -4.02 9.31
C GLN T 302 27.49 -3.71 10.67
N TYR T 303 28.16 -4.15 11.73
CA TYR T 303 27.78 -3.83 13.09
C TYR T 303 28.97 -3.19 13.79
N SER T 304 28.70 -2.14 14.56
CA SER T 304 29.72 -1.42 15.30
C SER T 304 29.15 -1.05 16.66
N ALA T 305 29.60 -1.75 17.70
CA ALA T 305 29.12 -1.56 19.06
C ALA T 305 27.62 -1.73 19.17
N SER T 306 27.06 -2.69 18.44
CA SER T 306 25.62 -2.85 18.34
C SER T 306 25.19 -4.20 18.91
N TYR T 307 23.89 -4.35 19.07
CA TYR T 307 23.28 -5.57 19.60
C TYR T 307 22.33 -6.12 18.54
N SER T 308 22.54 -7.37 18.13
CA SER T 308 21.68 -7.99 17.12
C SER T 308 21.04 -9.25 17.66
N GLN T 309 19.72 -9.35 17.50
CA GLN T 309 18.95 -10.54 17.85
C GLN T 309 18.10 -10.91 16.65
N GLN T 310 18.39 -12.07 16.05
CA GLN T 310 17.76 -12.51 14.81
C GLN T 310 17.17 -13.89 15.03
N THR T 311 15.85 -13.95 15.07
CA THR T 311 15.14 -15.17 15.45
C THR T 311 14.59 -15.95 14.26
N GLY T 312 14.54 -15.35 13.08
CA GLY T 312 13.97 -15.98 11.93
C GLY T 312 15.01 -16.32 10.88
N PRO T 313 14.56 -16.71 9.68
CA PRO T 313 15.51 -17.04 8.61
C PRO T 313 16.06 -15.79 7.92
N GLN T 314 17.30 -15.90 7.47
CA GLN T 314 18.04 -14.76 6.92
C GLN T 314 18.86 -15.24 5.74
N GLN T 315 18.81 -14.48 4.66
CA GLN T 315 19.47 -14.77 3.40
C GLN T 315 20.23 -13.54 2.93
N LEU T 316 21.52 -13.71 2.64
CA LEU T 316 22.36 -12.65 2.09
C LEU T 316 23.08 -13.23 0.88
N GLN T 317 22.78 -12.71 -0.32
CA GLN T 317 23.47 -13.14 -1.53
C GLN T 317 24.14 -11.94 -2.18
N GLN T 318 25.45 -12.06 -2.42
CA GLN T 318 26.26 -11.00 -3.00
C GLN T 318 26.79 -11.43 -4.36
N PHE T 319 26.73 -10.53 -5.32
CA PHE T 319 27.36 -10.71 -6.62
C PHE T 319 28.20 -9.48 -6.89
N GLN T 320 29.49 -9.69 -7.17
CA GLN T 320 30.39 -8.62 -7.54
C GLN T 320 31.06 -9.00 -8.85
N GLY T 321 31.00 -8.09 -9.82
CA GLY T 321 31.52 -8.32 -11.14
C GLY T 321 30.45 -8.48 -12.20
N TYR T 322 30.13 -9.72 -12.53
CA TYR T 322 29.18 -10.08 -13.58
C TYR T 322 28.38 -11.24 -13.00
N GLY T 323 27.30 -10.93 -12.29
CA GLY T 323 26.52 -11.93 -11.58
C GLY T 323 25.14 -12.05 -12.20
N GLN T 324 24.66 -13.28 -12.33
CA GLN T 324 23.33 -13.56 -12.87
C GLN T 324 22.61 -14.51 -11.96
N GLN T 325 21.38 -14.17 -11.59
CA GLN T 325 20.53 -15.05 -10.79
C GLN T 325 19.21 -15.35 -11.50
N PRO T 326 19.24 -16.15 -12.58
CA PRO T 326 17.98 -16.48 -13.27
C PRO T 326 17.18 -17.60 -12.61
N THR T 327 15.86 -17.42 -12.55
CA THR T 327 14.95 -18.42 -12.04
C THR T 327 13.90 -18.71 -13.11
N SER T 328 13.74 -19.99 -13.47
CA SER T 328 12.83 -20.37 -14.53
C SER T 328 11.92 -21.49 -14.07
N GLN T 329 10.64 -21.40 -14.44
CA GLN T 329 9.68 -22.47 -14.12
C GLN T 329 8.85 -22.71 -15.39
N ALA T 330 9.20 -23.76 -16.13
CA ALA T 330 8.52 -24.08 -17.36
C ALA T 330 7.33 -25.02 -17.11
#